data_7EYT
#
_entry.id   7EYT
#
_cell.length_a   50.054
_cell.length_b   72.557
_cell.length_c   78.826
_cell.angle_alpha   81.739
_cell.angle_beta   84.189
_cell.angle_gamma   70.229
#
_symmetry.space_group_name_H-M   'P 1'
#
loop_
_entity.id
_entity.type
_entity.pdbx_description
1 polymer '2-oxoglutarate/Fe(II)-dependent dioxygenase SptF'
2 non-polymer N-OXALYLGLYCINE
3 non-polymer 'Andilesin C'
4 non-polymer 'FE (II) ION'
5 water water
#
_entity_poly.entity_id   1
_entity_poly.type   'polypeptide(L)'
_entity_poly.pdbx_seq_one_letter_code
;MPQLHYVPYDTPVEDVMRILKESGTLVIRNFLDQNTVQKVQDEVDDYVRNWNPGPKYNHDIKNVGSKTKQPSNLSLMSKT
YRCEVLNHPWMHAICERMFGPTYGDYWFNGGSILHLEPGENTQPIHQDHVFYQISKWRRPTDPDLTINFTMALTEFTVEN
GGTRVCPGSHLWENGHASPAEEDMVPVLMQPGDALILPGSMWHSAGANRTSEYRRGFATSFHPCHFTPIESHHHLPREMV
EEMTPLVQKMLGFRTLNLHNNVKVWKAGEGNLEDATGLKSVAAKLAAALEHHHHHH
;
_entity_poly.pdbx_strand_id   C,A,B,D
#
# COMPACT_ATOMS: atom_id res chain seq x y z
N PRO A 2 -32.25 -31.58 11.23
CA PRO A 2 -31.27 -31.35 10.16
C PRO A 2 -31.25 -32.46 9.13
N GLN A 3 -31.10 -32.11 7.86
CA GLN A 3 -31.13 -33.10 6.78
C GLN A 3 -30.18 -32.65 5.67
N LEU A 4 -29.93 -33.55 4.73
CA LEU A 4 -29.18 -33.20 3.54
C LEU A 4 -30.04 -32.38 2.60
N HIS A 5 -29.45 -31.32 2.04
CA HIS A 5 -30.16 -30.41 1.15
C HIS A 5 -29.42 -30.27 -0.17
N TYR A 6 -30.16 -30.31 -1.26
CA TYR A 6 -29.64 -30.07 -2.60
C TYR A 6 -30.23 -28.76 -3.10
N VAL A 7 -29.41 -27.73 -3.23
CA VAL A 7 -29.89 -26.40 -3.62
C VAL A 7 -29.28 -26.01 -4.97
N PRO A 8 -29.97 -25.21 -5.77
CA PRO A 8 -29.41 -24.77 -7.06
C PRO A 8 -28.33 -23.71 -6.84
N TYR A 9 -27.75 -23.27 -7.96
CA TYR A 9 -26.66 -22.30 -7.90
C TYR A 9 -27.17 -20.93 -7.46
N ASP A 10 -28.36 -20.54 -7.90
CA ASP A 10 -28.91 -19.23 -7.61
C ASP A 10 -29.54 -19.13 -6.23
N THR A 11 -29.18 -20.01 -5.30
CA THR A 11 -29.71 -19.92 -3.95
C THR A 11 -29.21 -18.64 -3.28
N PRO A 12 -30.07 -17.91 -2.59
CA PRO A 12 -29.62 -16.74 -1.83
C PRO A 12 -28.59 -17.15 -0.78
N VAL A 13 -27.63 -16.25 -0.55
CA VAL A 13 -26.54 -16.55 0.37
C VAL A 13 -27.07 -16.74 1.80
N GLU A 14 -28.08 -15.95 2.17
CA GLU A 14 -28.66 -16.08 3.51
C GLU A 14 -29.35 -17.42 3.70
N ASP A 15 -29.83 -18.04 2.61
CA ASP A 15 -30.41 -19.37 2.72
C ASP A 15 -29.32 -20.42 2.90
N VAL A 16 -28.19 -20.26 2.23
CA VAL A 16 -27.10 -21.23 2.34
C VAL A 16 -26.54 -21.24 3.75
N MET A 17 -26.24 -20.04 4.28
CA MET A 17 -25.70 -19.95 5.63
C MET A 17 -26.71 -20.41 6.69
N ARG A 18 -28.01 -20.34 6.39
CA ARG A 18 -28.99 -20.92 7.30
C ARG A 18 -28.86 -22.43 7.35
N ILE A 19 -28.73 -23.07 6.18
CA ILE A 19 -28.56 -24.52 6.14
C ILE A 19 -27.25 -24.93 6.80
N LEU A 20 -26.19 -24.14 6.60
CA LEU A 20 -24.92 -24.42 7.26
C LEU A 20 -25.04 -24.28 8.77
N LYS A 21 -25.80 -23.29 9.23
CA LYS A 21 -26.04 -23.15 10.66
C LYS A 21 -26.99 -24.23 11.17
N GLU A 22 -27.95 -24.64 10.33
CA GLU A 22 -28.93 -25.64 10.74
C GLU A 22 -28.35 -27.05 10.66
N SER A 23 -27.97 -27.48 9.44
CA SER A 23 -27.58 -28.86 9.19
C SER A 23 -26.07 -29.06 9.14
N GLY A 24 -25.28 -28.00 9.09
CA GLY A 24 -23.84 -28.13 9.08
C GLY A 24 -23.23 -28.58 7.77
N THR A 25 -24.04 -28.72 6.71
CA THR A 25 -23.56 -29.13 5.40
C THR A 25 -24.71 -28.99 4.41
N LEU A 26 -24.35 -28.99 3.13
CA LEU A 26 -25.31 -28.99 2.04
C LEU A 26 -24.54 -29.17 0.73
N VAL A 27 -25.29 -29.35 -0.35
CA VAL A 27 -24.73 -29.50 -1.69
C VAL A 27 -25.28 -28.38 -2.56
N ILE A 28 -24.40 -27.70 -3.28
CA ILE A 28 -24.79 -26.71 -4.27
C ILE A 28 -24.61 -27.35 -5.64
N ARG A 29 -25.72 -27.49 -6.38
CA ARG A 29 -25.68 -28.10 -7.68
C ARG A 29 -25.12 -27.14 -8.71
N ASN A 30 -24.41 -27.70 -9.70
CA ASN A 30 -23.81 -26.92 -10.78
C ASN A 30 -22.87 -25.86 -10.23
N PHE A 31 -22.14 -26.21 -9.17
CA PHE A 31 -21.15 -25.31 -8.58
C PHE A 31 -20.13 -24.85 -9.63
N LEU A 32 -19.68 -25.78 -10.46
CA LEU A 32 -18.89 -25.47 -11.64
C LEU A 32 -19.60 -26.00 -12.87
N ASP A 33 -19.21 -25.49 -14.03
CA ASP A 33 -19.81 -25.94 -15.28
C ASP A 33 -19.00 -27.12 -15.83
N GLN A 34 -19.47 -27.68 -16.96
CA GLN A 34 -18.77 -28.82 -17.55
C GLN A 34 -17.44 -28.42 -18.16
N ASN A 35 -17.31 -27.17 -18.59
CA ASN A 35 -16.05 -26.70 -19.16
C ASN A 35 -14.95 -26.69 -18.11
N THR A 36 -15.24 -26.16 -16.92
CA THR A 36 -14.24 -26.12 -15.85
C THR A 36 -13.91 -27.52 -15.34
N VAL A 37 -14.91 -28.41 -15.30
CA VAL A 37 -14.66 -29.78 -14.88
C VAL A 37 -13.69 -30.47 -15.83
N GLN A 38 -13.93 -30.34 -17.13
CA GLN A 38 -13.06 -30.98 -18.12
C GLN A 38 -11.69 -30.33 -18.17
N LYS A 39 -11.60 -29.01 -17.95
CA LYS A 39 -10.30 -28.35 -17.94
C LYS A 39 -9.48 -28.77 -16.73
N VAL A 40 -10.12 -28.93 -15.57
CA VAL A 40 -9.40 -29.37 -14.39
C VAL A 40 -8.94 -30.81 -14.56
N GLN A 41 -9.81 -31.67 -15.11
CA GLN A 41 -9.41 -33.05 -15.38
C GLN A 41 -8.27 -33.11 -16.37
N ASP A 42 -8.27 -32.22 -17.36
CA ASP A 42 -7.22 -32.23 -18.38
C ASP A 42 -5.88 -31.79 -17.80
N GLU A 43 -5.89 -30.90 -16.80
CA GLU A 43 -4.64 -30.35 -16.29
C GLU A 43 -3.99 -31.25 -15.24
N VAL A 44 -4.78 -32.07 -14.54
CA VAL A 44 -4.27 -32.92 -13.48
C VAL A 44 -4.30 -34.39 -13.86
N ASP A 45 -4.58 -34.70 -15.13
CA ASP A 45 -4.70 -36.10 -15.54
C ASP A 45 -3.39 -36.85 -15.36
N ASP A 46 -2.31 -36.33 -15.94
CA ASP A 46 -1.01 -36.98 -15.80
C ASP A 46 -0.50 -36.91 -14.36
N TYR A 47 -0.86 -35.85 -13.64
CA TYR A 47 -0.40 -35.69 -12.26
C TYR A 47 -0.95 -36.79 -11.37
N VAL A 48 -2.27 -36.98 -11.37
CA VAL A 48 -2.88 -38.00 -10.51
C VAL A 48 -2.49 -39.40 -10.98
N ARG A 49 -2.37 -39.58 -12.30
CA ARG A 49 -2.04 -40.91 -12.83
C ARG A 49 -0.67 -41.37 -12.35
N ASN A 50 0.30 -40.46 -12.28
CA ASN A 50 1.64 -40.79 -11.81
C ASN A 50 1.78 -40.70 -10.29
N TRP A 51 0.78 -40.19 -9.60
CA TRP A 51 0.84 -40.11 -8.15
C TRP A 51 0.69 -41.50 -7.53
N ASN A 52 1.43 -41.75 -6.46
CA ASN A 52 1.33 -43.08 -5.88
C ASN A 52 0.22 -43.12 -4.84
N PRO A 53 -0.60 -44.17 -4.85
CA PRO A 53 -1.70 -44.26 -3.88
C PRO A 53 -1.19 -44.46 -2.46
N GLY A 54 -1.91 -43.87 -1.51
CA GLY A 54 -1.53 -43.91 -0.12
C GLY A 54 -0.94 -42.59 0.33
N PRO A 55 -0.74 -42.45 1.64
CA PRO A 55 -0.18 -41.19 2.16
C PRO A 55 1.27 -41.02 1.73
N LYS A 56 1.71 -39.76 1.75
CA LYS A 56 3.09 -39.43 1.42
C LYS A 56 4.02 -39.50 2.61
N TYR A 57 3.54 -39.15 3.80
CA TYR A 57 4.33 -39.20 5.02
C TYR A 57 3.49 -39.78 6.14
N ASN A 58 4.16 -40.07 7.27
CA ASN A 58 3.51 -40.70 8.40
C ASN A 58 2.99 -39.65 9.37
N HIS A 59 1.71 -39.76 9.72
CA HIS A 59 1.12 -38.92 10.76
C HIS A 59 0.04 -39.73 11.47
N ASP A 60 -0.58 -39.11 12.48
CA ASP A 60 -1.47 -39.85 13.37
C ASP A 60 -2.81 -40.16 12.71
N ILE A 61 -3.40 -39.17 12.03
CA ILE A 61 -4.69 -39.37 11.39
C ILE A 61 -4.51 -40.21 10.12
N LYS A 62 -4.49 -41.53 10.29
CA LYS A 62 -4.28 -42.44 9.17
C LYS A 62 -5.59 -42.69 8.44
N ASN A 63 -6.03 -41.67 7.71
CA ASN A 63 -7.29 -41.70 6.97
C ASN A 63 -7.06 -41.63 5.46
N VAL A 64 -5.91 -42.11 5.00
CA VAL A 64 -5.61 -42.20 3.57
C VAL A 64 -5.46 -43.68 3.24
N GLY A 65 -6.45 -44.22 2.53
CA GLY A 65 -6.46 -45.64 2.24
C GLY A 65 -5.39 -46.05 1.24
N SER A 66 -5.18 -47.36 1.16
CA SER A 66 -4.16 -47.89 0.26
C SER A 66 -4.56 -47.73 -1.20
N LYS A 67 -5.86 -47.72 -1.50
CA LYS A 67 -6.37 -47.49 -2.84
C LYS A 67 -6.89 -46.07 -3.03
N THR A 68 -6.31 -45.10 -2.31
CA THR A 68 -6.74 -43.72 -2.36
C THR A 68 -5.57 -42.84 -2.75
N LYS A 69 -5.80 -41.93 -3.70
CA LYS A 69 -4.82 -40.95 -4.13
C LYS A 69 -5.28 -39.57 -3.71
N GLN A 70 -4.46 -38.87 -2.94
CA GLN A 70 -4.75 -37.51 -2.49
C GLN A 70 -3.57 -36.59 -2.79
N PRO A 71 -3.28 -36.34 -4.07
CA PRO A 71 -2.25 -35.35 -4.39
C PRO A 71 -2.78 -33.94 -4.18
N SER A 72 -1.92 -33.07 -3.66
CA SER A 72 -2.28 -31.67 -3.49
C SER A 72 -1.51 -30.83 -4.49
N ASN A 73 -0.95 -29.70 -4.04
CA ASN A 73 -0.15 -28.81 -4.90
C ASN A 73 -0.96 -28.37 -6.13
N LEU A 74 -2.25 -28.14 -5.95
CA LEU A 74 -3.15 -27.97 -7.08
C LEU A 74 -2.96 -26.63 -7.76
N SER A 75 -2.64 -25.57 -7.01
CA SER A 75 -2.38 -24.28 -7.63
C SER A 75 -1.16 -24.34 -8.54
N LEU A 76 -0.21 -25.21 -8.23
CA LEU A 76 1.00 -25.34 -9.04
C LEU A 76 0.78 -26.19 -10.28
N MET A 77 -0.07 -27.21 -10.21
CA MET A 77 -0.25 -28.17 -11.29
C MET A 77 -1.50 -27.94 -12.13
N SER A 78 -2.32 -26.95 -11.81
CA SER A 78 -3.55 -26.69 -12.55
C SER A 78 -3.73 -25.19 -12.72
N LYS A 79 -3.71 -24.73 -13.97
CA LYS A 79 -3.93 -23.31 -14.24
C LYS A 79 -5.37 -22.91 -13.95
N THR A 80 -6.33 -23.78 -14.27
CA THR A 80 -7.72 -23.46 -14.01
C THR A 80 -8.01 -23.36 -12.51
N TYR A 81 -7.33 -24.19 -11.71
CA TYR A 81 -7.52 -24.17 -10.26
C TYR A 81 -7.15 -22.80 -9.69
N ARG A 82 -5.96 -22.31 -10.01
CA ARG A 82 -5.46 -21.07 -9.41
C ARG A 82 -5.99 -19.82 -10.08
N CYS A 83 -6.39 -19.89 -11.35
CA CYS A 83 -6.85 -18.70 -12.06
C CYS A 83 -8.36 -18.51 -11.97
N GLU A 84 -9.13 -19.58 -11.81
CA GLU A 84 -10.58 -19.47 -11.82
C GLU A 84 -11.22 -20.06 -10.58
N VAL A 85 -10.89 -21.31 -10.26
CA VAL A 85 -11.53 -22.00 -9.14
C VAL A 85 -11.31 -21.24 -7.84
N LEU A 86 -10.09 -20.75 -7.63
CA LEU A 86 -9.79 -20.03 -6.39
C LEU A 86 -10.47 -18.67 -6.33
N ASN A 87 -11.02 -18.17 -7.44
CA ASN A 87 -11.78 -16.94 -7.46
C ASN A 87 -13.29 -17.17 -7.39
N HIS A 88 -13.72 -18.40 -7.06
CA HIS A 88 -15.13 -18.76 -7.12
C HIS A 88 -15.95 -17.89 -6.17
N PRO A 89 -16.99 -17.20 -6.66
CA PRO A 89 -17.72 -16.27 -5.79
C PRO A 89 -18.45 -16.94 -4.65
N TRP A 90 -18.91 -18.20 -4.82
CA TRP A 90 -19.60 -18.87 -3.74
C TRP A 90 -18.67 -19.15 -2.56
N MET A 91 -17.41 -19.53 -2.86
CA MET A 91 -16.44 -19.77 -1.80
C MET A 91 -16.21 -18.51 -0.98
N HIS A 92 -15.94 -17.39 -1.66
CA HIS A 92 -15.61 -16.16 -0.95
C HIS A 92 -16.83 -15.53 -0.29
N ALA A 93 -18.02 -15.73 -0.86
CA ALA A 93 -19.23 -15.25 -0.21
C ALA A 93 -19.49 -15.98 1.10
N ILE A 94 -19.28 -17.30 1.11
CA ILE A 94 -19.49 -18.08 2.32
C ILE A 94 -18.36 -17.83 3.32
N CYS A 95 -17.12 -17.78 2.83
CA CYS A 95 -15.98 -17.61 3.73
C CYS A 95 -16.03 -16.26 4.45
N GLU A 96 -16.48 -15.21 3.74
CA GLU A 96 -16.53 -13.89 4.36
C GLU A 96 -17.53 -13.86 5.52
N ARG A 97 -18.69 -14.49 5.34
CA ARG A 97 -19.68 -14.53 6.41
C ARG A 97 -19.30 -15.51 7.52
N MET A 98 -18.41 -16.46 7.23
CA MET A 98 -18.03 -17.47 8.22
C MET A 98 -16.87 -17.03 9.10
N PHE A 99 -15.88 -16.34 8.53
CA PHE A 99 -14.69 -15.95 9.27
C PHE A 99 -14.57 -14.45 9.50
N GLY A 100 -15.18 -13.64 8.64
CA GLY A 100 -15.08 -12.20 8.69
C GLY A 100 -15.31 -11.56 10.05
N PRO A 101 -16.49 -11.75 10.64
CA PRO A 101 -16.82 -11.02 11.88
C PRO A 101 -16.02 -11.46 13.10
N THR A 102 -15.23 -12.53 13.01
CA THR A 102 -14.46 -13.02 14.15
C THR A 102 -12.96 -12.94 13.94
N TYR A 103 -12.48 -13.29 12.75
CA TYR A 103 -11.05 -13.32 12.47
C TYR A 103 -10.60 -12.26 11.48
N GLY A 104 -11.52 -11.58 10.80
CA GLY A 104 -11.14 -10.65 9.76
C GLY A 104 -10.88 -11.36 8.44
N ASP A 105 -9.63 -11.38 8.01
CA ASP A 105 -9.27 -12.01 6.75
C ASP A 105 -9.20 -13.53 6.90
N TYR A 106 -9.31 -14.21 5.76
CA TYR A 106 -9.11 -15.65 5.63
C TYR A 106 -8.19 -15.89 4.45
N TRP A 107 -7.66 -17.11 4.35
CA TRP A 107 -6.85 -17.47 3.20
C TRP A 107 -6.90 -18.98 2.99
N PHE A 108 -6.24 -19.43 1.94
CA PHE A 108 -6.25 -20.83 1.55
C PHE A 108 -5.59 -21.69 2.62
N ASN A 109 -6.26 -22.77 3.01
CA ASN A 109 -5.67 -23.74 3.92
C ASN A 109 -4.96 -24.85 3.14
N GLY A 110 -5.72 -25.60 2.35
CA GLY A 110 -5.17 -26.66 1.52
C GLY A 110 -6.22 -27.14 0.55
N GLY A 111 -5.76 -27.95 -0.41
CA GLY A 111 -6.64 -28.48 -1.43
C GLY A 111 -6.03 -29.66 -2.15
N SER A 112 -6.78 -30.75 -2.28
CA SER A 112 -6.23 -31.99 -2.81
C SER A 112 -7.22 -32.67 -3.74
N ILE A 113 -6.69 -33.48 -4.66
CA ILE A 113 -7.52 -34.39 -5.42
C ILE A 113 -7.99 -35.52 -4.51
N LEU A 114 -9.24 -35.92 -4.67
CA LEU A 114 -9.83 -37.00 -3.87
C LEU A 114 -10.19 -38.13 -4.84
N HIS A 115 -9.25 -39.05 -5.02
CA HIS A 115 -9.33 -40.09 -6.05
C HIS A 115 -9.53 -41.44 -5.39
N LEU A 116 -10.68 -42.07 -5.64
CA LEU A 116 -11.01 -43.38 -5.11
C LEU A 116 -10.81 -44.42 -6.19
N GLU A 117 -9.78 -45.25 -6.04
CA GLU A 117 -9.60 -46.37 -6.96
C GLU A 117 -10.66 -47.44 -6.72
N PRO A 118 -11.02 -48.20 -7.76
CA PRO A 118 -11.98 -49.30 -7.56
C PRO A 118 -11.47 -50.28 -6.51
N GLY A 119 -12.35 -50.63 -5.57
CA GLY A 119 -12.00 -51.53 -4.49
C GLY A 119 -11.61 -50.86 -3.20
N GLU A 120 -11.46 -49.54 -3.19
CA GLU A 120 -11.10 -48.83 -1.97
C GLU A 120 -12.22 -48.95 -0.94
N ASN A 121 -11.84 -49.22 0.31
CA ASN A 121 -12.80 -49.40 1.38
C ASN A 121 -13.26 -48.04 1.91
N THR A 122 -14.15 -48.09 2.91
CA THR A 122 -14.74 -46.87 3.44
C THR A 122 -13.74 -46.11 4.31
N GLN A 123 -13.64 -44.80 4.08
CA GLN A 123 -12.78 -43.96 4.88
C GLN A 123 -13.35 -43.82 6.29
N PRO A 124 -12.51 -43.74 7.32
CA PRO A 124 -13.02 -43.52 8.68
C PRO A 124 -13.77 -42.19 8.78
N ILE A 125 -14.88 -42.21 9.51
CA ILE A 125 -15.66 -41.01 9.72
C ILE A 125 -14.91 -40.05 10.62
N HIS A 126 -14.89 -38.77 10.26
CA HIS A 126 -13.99 -37.83 10.91
C HIS A 126 -14.53 -36.40 10.76
N GLN A 127 -13.96 -35.51 11.56
CA GLN A 127 -14.10 -34.08 11.38
C GLN A 127 -12.81 -33.53 10.75
N ASP A 128 -12.94 -32.52 9.89
CA ASP A 128 -11.78 -32.01 9.19
C ASP A 128 -10.84 -31.25 10.12
N HIS A 129 -11.38 -30.61 11.16
CA HIS A 129 -10.57 -29.77 12.04
C HIS A 129 -9.86 -30.54 13.14
N VAL A 130 -9.79 -31.87 13.05
CA VAL A 130 -9.19 -32.65 14.14
C VAL A 130 -7.70 -32.37 14.27
N PHE A 131 -7.04 -31.97 13.18
CA PHE A 131 -5.61 -31.70 13.25
C PHE A 131 -5.30 -30.33 13.83
N TYR A 132 -6.30 -29.59 14.30
CA TYR A 132 -6.08 -28.36 15.05
C TYR A 132 -6.07 -28.70 16.54
N GLN A 133 -4.97 -28.35 17.22
CA GLN A 133 -4.94 -28.52 18.67
C GLN A 133 -6.00 -27.66 19.35
N ILE A 134 -6.28 -26.48 18.80
CA ILE A 134 -7.25 -25.57 19.41
C ILE A 134 -8.70 -26.01 19.21
N SER A 135 -8.95 -27.07 18.44
CA SER A 135 -10.30 -27.59 18.33
C SER A 135 -10.78 -28.18 19.65
N LYS A 136 -9.87 -28.58 20.53
CA LYS A 136 -10.26 -28.99 21.88
C LYS A 136 -10.72 -27.81 22.71
N TRP A 137 -10.22 -26.61 22.40
CA TRP A 137 -10.66 -25.40 23.10
C TRP A 137 -11.98 -24.86 22.59
N ARG A 138 -12.36 -25.20 21.35
CA ARG A 138 -13.47 -24.56 20.67
C ARG A 138 -14.79 -25.23 21.05
N ARG A 139 -15.75 -24.42 21.47
CA ARG A 139 -17.10 -24.90 21.71
C ARG A 139 -17.87 -24.97 20.39
N PRO A 140 -18.84 -25.87 20.28
CA PRO A 140 -19.56 -26.02 19.00
C PRO A 140 -20.32 -24.77 18.57
N THR A 141 -20.58 -23.84 19.49
CA THR A 141 -21.24 -22.60 19.12
C THR A 141 -20.31 -21.62 18.42
N ASP A 142 -18.99 -21.85 18.49
CA ASP A 142 -18.04 -20.94 17.88
C ASP A 142 -18.02 -21.10 16.36
N PRO A 143 -17.47 -20.12 15.64
CA PRO A 143 -17.25 -20.30 14.21
C PRO A 143 -16.28 -21.44 13.94
N ASP A 144 -16.36 -21.98 12.73
CA ASP A 144 -15.56 -23.15 12.38
C ASP A 144 -14.11 -22.75 12.14
N LEU A 145 -13.22 -23.72 12.38
CA LEU A 145 -11.79 -23.51 12.17
C LEU A 145 -11.40 -23.59 10.71
N THR A 146 -12.19 -24.30 9.89
CA THR A 146 -11.92 -24.44 8.47
C THR A 146 -13.24 -24.74 7.78
N ILE A 147 -13.25 -24.56 6.46
CA ILE A 147 -14.35 -24.98 5.61
C ILE A 147 -13.77 -25.60 4.35
N ASN A 148 -14.43 -26.64 3.85
CA ASN A 148 -13.95 -27.39 2.70
C ASN A 148 -14.99 -27.34 1.59
N PHE A 149 -14.51 -27.33 0.34
CA PHE A 149 -15.36 -27.30 -0.84
C PHE A 149 -14.98 -28.50 -1.71
N THR A 150 -15.74 -29.59 -1.56
CA THR A 150 -15.46 -30.83 -2.30
C THR A 150 -16.26 -30.83 -3.59
N MET A 151 -15.57 -30.71 -4.71
CA MET A 151 -16.19 -30.60 -6.02
C MET A 151 -16.02 -31.91 -6.79
N ALA A 152 -17.10 -32.38 -7.40
CA ALA A 152 -17.09 -33.65 -8.11
C ALA A 152 -16.57 -33.47 -9.52
N LEU A 153 -15.59 -34.29 -9.90
CA LEU A 153 -15.12 -34.37 -11.28
C LEU A 153 -15.80 -35.52 -12.03
N THR A 154 -15.77 -36.72 -11.45
CA THR A 154 -16.63 -37.79 -11.90
C THR A 154 -17.94 -37.74 -11.11
N GLU A 155 -18.82 -38.69 -11.37
CA GLU A 155 -20.06 -38.79 -10.61
C GLU A 155 -19.76 -39.22 -9.18
N PHE A 156 -20.64 -38.81 -8.26
CA PHE A 156 -20.60 -39.23 -6.87
C PHE A 156 -21.87 -40.00 -6.57
N THR A 157 -21.76 -41.32 -6.47
CA THR A 157 -22.88 -42.19 -6.17
C THR A 157 -22.65 -42.90 -4.84
N VAL A 158 -23.67 -43.63 -4.40
CA VAL A 158 -23.55 -44.42 -3.18
C VAL A 158 -22.56 -45.56 -3.39
N GLU A 159 -22.56 -46.15 -4.59
CA GLU A 159 -21.79 -47.37 -4.84
C GLU A 159 -20.33 -47.09 -5.18
N ASN A 160 -20.03 -45.94 -5.79
CA ASN A 160 -18.66 -45.65 -6.19
C ASN A 160 -17.88 -44.90 -5.13
N GLY A 161 -18.43 -44.77 -3.92
CA GLY A 161 -17.71 -44.16 -2.82
C GLY A 161 -17.98 -42.69 -2.61
N GLY A 162 -19.17 -42.21 -2.96
CA GLY A 162 -19.50 -40.82 -2.72
C GLY A 162 -19.41 -40.46 -1.26
N THR A 163 -19.08 -39.19 -1.00
CA THR A 163 -18.91 -38.73 0.38
C THR A 163 -20.21 -38.87 1.16
N ARG A 164 -20.09 -39.22 2.43
CA ARG A 164 -21.23 -39.36 3.32
C ARG A 164 -21.10 -38.38 4.47
N VAL A 165 -22.21 -37.73 4.82
CA VAL A 165 -22.23 -36.74 5.89
C VAL A 165 -23.27 -37.15 6.92
N CYS A 166 -23.08 -36.65 8.14
CA CYS A 166 -24.04 -36.83 9.23
C CYS A 166 -24.61 -35.47 9.58
N PRO A 167 -25.73 -35.07 8.97
CA PRO A 167 -26.28 -33.73 9.21
C PRO A 167 -26.65 -33.54 10.67
N GLY A 168 -26.23 -32.40 11.23
CA GLY A 168 -26.44 -32.08 12.61
C GLY A 168 -25.29 -32.41 13.54
N SER A 169 -24.32 -33.20 13.08
CA SER A 169 -23.20 -33.60 13.92
C SER A 169 -22.22 -32.46 14.18
N HIS A 170 -22.31 -31.37 13.42
CA HIS A 170 -21.43 -30.22 13.66
C HIS A 170 -21.77 -29.51 14.96
N LEU A 171 -23.00 -29.66 15.46
CA LEU A 171 -23.43 -29.02 16.70
C LEU A 171 -23.14 -29.86 17.93
N TRP A 172 -22.39 -30.95 17.79
CA TRP A 172 -22.06 -31.80 18.92
C TRP A 172 -20.90 -31.22 19.71
N GLU A 173 -20.97 -31.35 21.04
CA GLU A 173 -19.89 -30.90 21.89
C GLU A 173 -18.66 -31.79 21.71
N ASN A 174 -17.50 -31.23 22.06
CA ASN A 174 -16.26 -31.99 21.94
C ASN A 174 -16.30 -33.21 22.84
N GLY A 175 -15.66 -34.30 22.37
CA GLY A 175 -15.70 -35.56 23.07
C GLY A 175 -16.86 -36.45 22.67
N HIS A 176 -17.85 -35.93 21.96
CA HIS A 176 -18.96 -36.75 21.48
C HIS A 176 -18.44 -37.83 20.55
N ALA A 177 -18.94 -39.05 20.72
CA ALA A 177 -18.47 -40.18 19.95
C ALA A 177 -18.74 -39.99 18.46
N SER A 178 -17.97 -40.72 17.65
CA SER A 178 -18.15 -40.65 16.21
C SER A 178 -19.53 -41.18 15.83
N PRO A 179 -20.15 -40.62 14.79
CA PRO A 179 -21.45 -41.14 14.35
C PRO A 179 -21.33 -42.59 13.87
N ALA A 180 -22.38 -43.37 14.11
CA ALA A 180 -22.41 -44.73 13.62
C ALA A 180 -22.46 -44.73 12.10
N GLU A 181 -21.97 -45.83 11.50
CA GLU A 181 -21.97 -45.94 10.05
C GLU A 181 -23.40 -45.91 9.50
N GLU A 182 -24.35 -46.49 10.22
CA GLU A 182 -25.73 -46.49 9.79
C GLU A 182 -26.34 -45.09 9.76
N ASP A 183 -25.73 -44.13 10.45
CA ASP A 183 -26.22 -42.76 10.47
C ASP A 183 -25.65 -41.91 9.35
N MET A 184 -24.62 -42.39 8.65
CA MET A 184 -24.02 -41.61 7.57
C MET A 184 -24.98 -41.50 6.39
N VAL A 185 -25.00 -40.33 5.76
CA VAL A 185 -25.88 -40.08 4.62
C VAL A 185 -25.05 -39.83 3.38
N PRO A 186 -25.08 -40.73 2.39
CA PRO A 186 -24.26 -40.54 1.19
C PRO A 186 -24.73 -39.34 0.38
N VAL A 187 -23.77 -38.72 -0.30
CA VAL A 187 -24.01 -37.52 -1.10
C VAL A 187 -24.01 -37.91 -2.58
N LEU A 188 -25.08 -37.54 -3.28
CA LEU A 188 -25.22 -37.80 -4.70
C LEU A 188 -24.94 -36.52 -5.47
N MET A 189 -23.95 -36.55 -6.35
CA MET A 189 -23.50 -35.36 -7.05
C MET A 189 -23.21 -35.67 -8.50
N GLN A 190 -23.60 -34.75 -9.38
CA GLN A 190 -23.19 -34.75 -10.77
C GLN A 190 -21.83 -34.06 -10.91
N PRO A 191 -21.13 -34.30 -12.02
CA PRO A 191 -19.89 -33.55 -12.26
C PRO A 191 -20.14 -32.05 -12.24
N GLY A 192 -19.42 -31.36 -11.36
CA GLY A 192 -19.58 -29.94 -11.16
C GLY A 192 -20.25 -29.57 -9.85
N ASP A 193 -21.02 -30.49 -9.25
CA ASP A 193 -21.64 -30.23 -7.97
C ASP A 193 -20.57 -30.16 -6.88
N ALA A 194 -20.90 -29.46 -5.79
CA ALA A 194 -19.99 -29.30 -4.67
C ALA A 194 -20.72 -29.54 -3.35
N LEU A 195 -20.04 -30.24 -2.46
CA LEU A 195 -20.51 -30.46 -1.10
C LEU A 195 -19.74 -29.55 -0.15
N ILE A 196 -20.46 -28.77 0.65
CA ILE A 196 -19.84 -27.82 1.57
C ILE A 196 -19.61 -28.54 2.89
N LEU A 197 -18.35 -28.57 3.34
CA LEU A 197 -17.95 -29.30 4.53
C LEU A 197 -17.22 -28.38 5.50
N PRO A 198 -17.94 -27.78 6.44
CA PRO A 198 -17.26 -27.08 7.54
C PRO A 198 -16.43 -28.06 8.35
N GLY A 199 -15.40 -27.52 9.02
CA GLY A 199 -14.46 -28.34 9.76
C GLY A 199 -15.06 -29.17 10.87
N SER A 200 -16.32 -28.90 11.25
CA SER A 200 -16.97 -29.60 12.35
C SER A 200 -17.91 -30.70 11.89
N MET A 201 -18.18 -30.81 10.60
CA MET A 201 -19.13 -31.80 10.10
C MET A 201 -18.45 -33.17 10.00
N TRP A 202 -19.02 -34.16 10.69
CA TRP A 202 -18.51 -35.52 10.59
C TRP A 202 -18.83 -36.10 9.22
N HIS A 203 -17.83 -36.67 8.57
CA HIS A 203 -17.99 -37.15 7.20
C HIS A 203 -16.87 -38.14 6.90
N SER A 204 -16.97 -38.79 5.73
CA SER A 204 -15.95 -39.70 5.25
C SER A 204 -16.30 -40.10 3.83
N ALA A 205 -15.28 -40.56 3.10
CA ALA A 205 -15.49 -41.16 1.79
C ALA A 205 -16.01 -42.57 1.94
N GLY A 206 -16.82 -42.99 0.97
CA GLY A 206 -17.37 -44.32 0.95
C GLY A 206 -16.48 -45.31 0.21
N ALA A 207 -16.94 -46.56 0.17
CA ALA A 207 -16.24 -47.60 -0.56
C ALA A 207 -16.56 -47.51 -2.04
N ASN A 208 -15.53 -47.62 -2.87
CA ASN A 208 -15.70 -47.62 -4.32
C ASN A 208 -15.88 -49.07 -4.76
N ARG A 209 -17.14 -49.49 -4.89
CA ARG A 209 -17.47 -50.85 -5.31
C ARG A 209 -17.90 -50.92 -6.78
N THR A 210 -17.47 -49.95 -7.59
CA THR A 210 -17.73 -49.96 -9.02
C THR A 210 -16.43 -50.24 -9.76
N SER A 211 -16.54 -50.36 -11.08
CA SER A 211 -15.40 -50.66 -11.95
C SER A 211 -14.63 -49.41 -12.37
N GLU A 212 -15.09 -48.22 -12.00
CA GLU A 212 -14.47 -46.97 -12.41
C GLU A 212 -14.12 -46.13 -11.18
N TYR A 213 -13.05 -45.37 -11.31
CA TYR A 213 -12.60 -44.55 -10.19
C TYR A 213 -13.59 -43.42 -9.92
N ARG A 214 -13.64 -42.99 -8.66
CA ARG A 214 -14.44 -41.84 -8.23
C ARG A 214 -13.48 -40.74 -7.84
N ARG A 215 -13.45 -39.66 -8.63
CA ARG A 215 -12.51 -38.57 -8.42
C ARG A 215 -13.25 -37.28 -8.13
N GLY A 216 -12.83 -36.59 -7.07
CA GLY A 216 -13.20 -35.21 -6.84
C GLY A 216 -11.95 -34.39 -6.56
N PHE A 217 -12.16 -33.09 -6.37
CA PHE A 217 -11.07 -32.22 -5.96
C PHE A 217 -11.66 -31.13 -5.06
N ALA A 218 -10.83 -30.61 -4.17
CA ALA A 218 -11.31 -29.78 -3.07
C ALA A 218 -10.50 -28.50 -2.94
N THR A 219 -11.16 -27.48 -2.39
CA THR A 219 -10.51 -26.30 -1.86
C THR A 219 -10.95 -26.12 -0.41
N SER A 220 -10.09 -25.51 0.39
CA SER A 220 -10.43 -25.24 1.78
C SER A 220 -9.79 -23.93 2.21
N PHE A 221 -10.51 -23.18 3.03
CA PHE A 221 -10.06 -21.89 3.56
C PHE A 221 -10.23 -21.88 5.07
N HIS A 222 -9.43 -21.06 5.72
CA HIS A 222 -9.48 -20.96 7.18
C HIS A 222 -9.01 -19.56 7.58
N PRO A 223 -9.23 -19.17 8.84
CA PRO A 223 -8.83 -17.83 9.27
C PRO A 223 -7.38 -17.50 8.97
N CYS A 224 -7.11 -16.20 8.82
CA CYS A 224 -5.77 -15.75 8.44
C CYS A 224 -4.76 -15.92 9.57
N HIS A 225 -5.21 -16.03 10.82
CA HIS A 225 -4.30 -16.23 11.94
C HIS A 225 -3.89 -17.69 12.11
N PHE A 226 -4.32 -18.57 11.22
CA PHE A 226 -3.97 -19.99 11.28
C PHE A 226 -3.02 -20.33 10.13
N THR A 227 -2.02 -21.14 10.43
CA THR A 227 -1.03 -21.51 9.41
C THR A 227 -1.63 -22.53 8.44
N PRO A 228 -1.58 -22.29 7.14
CA PRO A 228 -2.15 -23.24 6.18
C PRO A 228 -1.36 -24.52 6.15
N ILE A 229 -2.06 -25.61 5.80
CA ILE A 229 -1.38 -26.90 5.67
C ILE A 229 -0.45 -26.88 4.47
N GLU A 230 -0.73 -26.03 3.47
CA GLU A 230 0.04 -25.95 2.24
C GLU A 230 0.60 -24.55 2.07
N SER A 231 1.91 -24.45 1.89
CA SER A 231 2.55 -23.21 1.49
C SER A 231 2.53 -23.09 -0.03
N HIS A 232 2.82 -21.88 -0.52
CA HIS A 232 2.86 -21.66 -1.96
C HIS A 232 4.04 -20.78 -2.37
N HIS A 233 5.03 -20.62 -1.50
CA HIS A 233 6.21 -19.83 -1.81
C HIS A 233 7.18 -20.57 -2.73
N HIS A 234 6.88 -21.80 -3.11
CA HIS A 234 7.65 -22.54 -4.09
C HIS A 234 7.15 -22.34 -5.51
N LEU A 235 6.03 -21.63 -5.69
CA LEU A 235 5.48 -21.42 -7.01
C LEU A 235 6.32 -20.40 -7.79
N PRO A 236 6.39 -20.52 -9.12
CA PRO A 236 7.15 -19.56 -9.91
C PRO A 236 6.57 -18.16 -9.79
N ARG A 237 7.45 -17.16 -9.92
CA ARG A 237 7.04 -15.77 -9.77
C ARG A 237 6.00 -15.37 -10.80
N GLU A 238 6.19 -15.79 -12.06
CA GLU A 238 5.25 -15.44 -13.11
C GLU A 238 3.85 -15.95 -12.82
N MET A 239 3.76 -17.07 -12.10
CA MET A 239 2.45 -17.58 -11.70
C MET A 239 1.73 -16.61 -10.78
N VAL A 240 2.46 -16.06 -9.79
CA VAL A 240 1.85 -15.17 -8.82
C VAL A 240 1.36 -13.89 -9.47
N GLU A 241 2.17 -13.34 -10.38
CA GLU A 241 1.81 -12.08 -11.02
C GLU A 241 0.57 -12.20 -11.91
N GLU A 242 0.26 -13.40 -12.40
CA GLU A 242 -0.96 -13.61 -13.15
C GLU A 242 -2.16 -13.88 -12.26
N MET A 243 -1.93 -14.20 -10.98
CA MET A 243 -3.05 -14.38 -10.06
C MET A 243 -3.76 -13.06 -9.81
N THR A 244 -5.05 -13.16 -9.51
CA THR A 244 -5.80 -11.99 -9.06
C THR A 244 -5.28 -11.57 -7.68
N PRO A 245 -5.46 -10.29 -7.32
CA PRO A 245 -5.09 -9.88 -5.96
C PRO A 245 -5.78 -10.68 -4.88
N LEU A 246 -7.01 -11.14 -5.13
CA LEU A 246 -7.72 -11.96 -4.17
C LEU A 246 -7.03 -13.31 -4.00
N VAL A 247 -6.64 -13.95 -5.10
CA VAL A 247 -5.96 -15.24 -5.02
C VAL A 247 -4.56 -15.08 -4.44
N GLN A 248 -3.88 -13.98 -4.80
CA GLN A 248 -2.58 -13.70 -4.20
C GLN A 248 -2.66 -13.67 -2.69
N LYS A 249 -3.73 -13.08 -2.14
CA LYS A 249 -3.92 -13.10 -0.69
C LYS A 249 -4.30 -14.49 -0.20
N MET A 250 -5.10 -15.22 -0.98
CA MET A 250 -5.45 -16.59 -0.60
C MET A 250 -4.22 -17.46 -0.45
N LEU A 251 -3.25 -17.31 -1.36
CA LEU A 251 -2.10 -18.20 -1.44
C LEU A 251 -0.87 -17.68 -0.69
N GLY A 252 -1.03 -16.68 0.17
CA GLY A 252 0.03 -16.29 1.08
C GLY A 252 1.03 -15.27 0.57
N PHE A 253 0.66 -14.46 -0.41
CA PHE A 253 1.58 -13.48 -0.99
C PHE A 253 1.26 -12.05 -0.56
N ARG A 254 0.29 -11.85 0.31
CA ARG A 254 -0.11 -10.50 0.72
C ARG A 254 -0.36 -10.49 2.22
N THR A 255 -0.23 -9.30 2.80
CA THR A 255 -0.45 -9.12 4.23
C THR A 255 -1.93 -9.27 4.57
N LEU A 256 -2.21 -9.87 5.71
CA LEU A 256 -3.58 -10.16 6.15
C LEU A 256 -3.97 -9.22 7.29
N ASN A 257 -5.24 -8.83 7.32
CA ASN A 257 -5.77 -7.91 8.31
C ASN A 257 -6.67 -8.66 9.28
N LEU A 258 -6.46 -8.45 10.57
CA LEU A 258 -7.31 -9.05 11.59
C LEU A 258 -8.59 -8.23 11.76
N HIS A 259 -9.51 -8.77 12.58
CA HIS A 259 -10.83 -8.18 12.72
C HIS A 259 -10.83 -6.84 13.44
N ASN A 260 -9.74 -6.48 14.13
CA ASN A 260 -9.63 -5.17 14.77
C ASN A 260 -8.60 -4.29 14.09
N ASN A 261 -8.28 -4.60 12.83
CA ASN A 261 -7.30 -3.87 11.99
C ASN A 261 -5.86 -4.06 12.48
N VAL A 262 -5.58 -5.20 13.09
CA VAL A 262 -4.19 -5.62 13.32
C VAL A 262 -3.76 -6.44 12.11
N LYS A 263 -2.50 -6.30 11.71
CA LYS A 263 -1.98 -6.98 10.54
C LYS A 263 -1.02 -8.09 10.93
N VAL A 264 -1.16 -9.24 10.27
CA VAL A 264 -0.22 -10.33 10.38
C VAL A 264 0.33 -10.62 8.98
N TRP A 265 1.42 -11.39 8.92
CA TRP A 265 2.07 -11.73 7.65
C TRP A 265 2.59 -10.47 6.95
N LYS A 266 3.35 -9.68 7.70
CA LYS A 266 3.86 -8.40 7.24
C LYS A 266 5.34 -8.49 6.88
N ALA A 267 5.77 -7.56 6.03
CA ALA A 267 7.18 -7.39 5.68
C ALA A 267 7.71 -6.21 6.47
N GLY A 268 8.30 -6.48 7.63
CA GLY A 268 8.67 -5.42 8.55
C GLY A 268 7.44 -4.82 9.19
N GLU A 269 7.22 -3.53 8.97
CA GLU A 269 5.98 -2.89 9.39
C GLU A 269 4.99 -2.69 8.26
N GLY A 270 5.45 -2.69 7.01
CA GLY A 270 4.59 -2.52 5.87
C GLY A 270 4.01 -3.83 5.38
N ASN A 271 3.47 -3.79 4.16
CA ASN A 271 2.80 -4.94 3.57
C ASN A 271 3.80 -5.82 2.83
N LEU A 272 3.50 -7.13 2.82
CA LEU A 272 4.38 -8.08 2.14
C LEU A 272 4.40 -7.85 0.64
N GLU A 273 3.26 -7.45 0.05
CA GLU A 273 3.20 -7.19 -1.38
C GLU A 273 4.05 -6.00 -1.78
N ASP A 274 4.30 -5.06 -0.86
CA ASP A 274 5.13 -3.90 -1.19
C ASP A 274 6.60 -4.27 -1.27
N ALA A 275 7.08 -5.06 -0.30
CA ALA A 275 8.49 -5.46 -0.28
C ALA A 275 8.84 -6.42 -1.41
N THR A 276 7.85 -7.02 -2.07
CA THR A 276 8.10 -7.96 -3.16
C THR A 276 7.82 -7.38 -4.53
N GLY A 277 7.10 -6.28 -4.63
CA GLY A 277 6.79 -5.68 -5.91
C GLY A 277 5.67 -6.39 -6.65
N LEU A 278 4.58 -6.69 -5.95
CA LEU A 278 3.43 -7.35 -6.55
C LEU A 278 2.37 -6.32 -6.97
N PRO B 2 -31.46 7.92 -11.69
CA PRO B 2 -30.38 7.96 -12.68
C PRO B 2 -30.47 6.81 -13.69
N GLN B 3 -29.93 7.04 -14.89
CA GLN B 3 -29.95 6.04 -15.95
C GLN B 3 -28.89 6.40 -16.98
N LEU B 4 -28.66 5.48 -17.91
CA LEU B 4 -27.72 5.70 -19.01
C LEU B 4 -28.46 6.33 -20.18
N HIS B 5 -28.00 7.50 -20.62
CA HIS B 5 -28.63 8.26 -21.69
C HIS B 5 -27.77 8.23 -22.95
N TYR B 6 -28.41 8.04 -24.10
CA TYR B 6 -27.78 8.17 -25.41
C TYR B 6 -28.37 9.41 -26.08
N VAL B 7 -27.53 10.41 -26.31
CA VAL B 7 -28.01 11.69 -26.84
C VAL B 7 -27.37 11.99 -28.19
N PRO B 8 -28.05 12.71 -29.07
CA PRO B 8 -27.46 13.04 -30.38
C PRO B 8 -26.34 14.06 -30.23
N TYR B 9 -25.66 14.28 -31.36
CA TYR B 9 -24.50 15.19 -31.36
C TYR B 9 -24.92 16.63 -31.07
N ASP B 10 -26.04 17.08 -31.63
CA ASP B 10 -26.49 18.46 -31.48
C ASP B 10 -27.24 18.70 -30.18
N THR B 11 -27.07 17.84 -29.18
CA THR B 11 -27.70 18.06 -27.89
C THR B 11 -27.20 19.35 -27.26
N PRO B 12 -28.07 20.18 -26.70
CA PRO B 12 -27.61 21.39 -26.03
C PRO B 12 -26.60 21.07 -24.93
N VAL B 13 -25.60 21.95 -24.79
CA VAL B 13 -24.51 21.67 -23.86
C VAL B 13 -24.99 21.68 -22.43
N GLU B 14 -26.01 22.49 -22.11
CA GLU B 14 -26.53 22.51 -20.75
C GLU B 14 -27.30 21.24 -20.42
N ASP B 15 -27.93 20.62 -21.42
CA ASP B 15 -28.57 19.33 -21.21
C ASP B 15 -27.53 18.26 -20.87
N VAL B 16 -26.35 18.35 -21.48
CA VAL B 16 -25.29 17.39 -21.21
C VAL B 16 -24.80 17.52 -19.77
N MET B 17 -24.54 18.75 -19.33
CA MET B 17 -24.10 18.97 -17.95
C MET B 17 -25.18 18.57 -16.96
N ARG B 18 -26.46 18.82 -17.32
CA ARG B 18 -27.55 18.40 -16.44
C ARG B 18 -27.58 16.89 -16.29
N ILE B 19 -27.37 16.16 -17.38
CA ILE B 19 -27.31 14.70 -17.31
C ILE B 19 -26.06 14.26 -16.54
N LEU B 20 -24.96 14.98 -16.73
CA LEU B 20 -23.73 14.64 -16.02
C LEU B 20 -23.88 14.82 -14.52
N LYS B 21 -24.61 15.85 -14.10
CA LYS B 21 -24.81 16.07 -12.67
C LYS B 21 -25.76 15.04 -12.08
N GLU B 22 -26.82 14.69 -12.82
CA GLU B 22 -27.82 13.77 -12.30
C GLU B 22 -27.37 12.32 -12.41
N SER B 23 -26.85 11.93 -13.58
CA SER B 23 -26.53 10.53 -13.84
C SER B 23 -25.04 10.22 -13.77
N GLY B 24 -24.17 11.22 -13.87
CA GLY B 24 -22.74 10.99 -13.75
C GLY B 24 -22.06 10.43 -14.98
N THR B 25 -22.80 10.23 -16.08
CA THR B 25 -22.25 9.72 -17.33
C THR B 25 -23.33 9.83 -18.40
N LEU B 26 -22.89 9.77 -19.65
CA LEU B 26 -23.80 9.78 -20.80
C LEU B 26 -23.00 9.40 -22.03
N VAL B 27 -23.74 9.16 -23.12
CA VAL B 27 -23.16 8.84 -24.41
C VAL B 27 -23.54 9.94 -25.38
N ILE B 28 -22.58 10.42 -26.16
CA ILE B 28 -22.82 11.36 -27.25
C ILE B 28 -22.60 10.60 -28.55
N ARG B 29 -23.68 10.33 -29.27
CA ARG B 29 -23.56 9.59 -30.52
C ARG B 29 -23.00 10.48 -31.61
N ASN B 30 -22.26 9.85 -32.53
CA ASN B 30 -21.61 10.55 -33.64
C ASN B 30 -20.66 11.62 -33.14
N PHE B 31 -19.99 11.33 -32.02
CA PHE B 31 -18.99 12.25 -31.47
C PHE B 31 -17.89 12.51 -32.49
N LEU B 32 -17.34 11.45 -33.08
CA LEU B 32 -16.44 11.55 -34.22
C LEU B 32 -17.10 10.90 -35.43
N ASP B 33 -16.69 11.34 -36.61
CA ASP B 33 -17.17 10.70 -37.82
C ASP B 33 -16.34 9.45 -38.13
N GLN B 34 -16.77 8.71 -39.14
CA GLN B 34 -16.12 7.44 -39.46
C GLN B 34 -14.67 7.64 -39.90
N ASN B 35 -14.42 8.68 -40.70
CA ASN B 35 -13.08 8.88 -41.23
C ASN B 35 -12.08 9.26 -40.14
N THR B 36 -12.53 10.01 -39.12
CA THR B 36 -11.63 10.34 -38.01
C THR B 36 -11.30 9.11 -37.18
N VAL B 37 -12.24 8.19 -37.04
CA VAL B 37 -11.98 6.94 -36.31
C VAL B 37 -10.94 6.12 -37.05
N GLN B 38 -10.98 6.12 -38.38
CA GLN B 38 -10.03 5.33 -39.16
C GLN B 38 -8.65 5.96 -39.16
N LYS B 39 -8.58 7.29 -39.28
CA LYS B 39 -7.29 7.96 -39.41
C LYS B 39 -6.46 7.80 -38.14
N VAL B 40 -7.08 7.90 -36.97
CA VAL B 40 -6.37 7.76 -35.71
C VAL B 40 -5.77 6.36 -35.61
N GLN B 41 -6.54 5.33 -35.98
CA GLN B 41 -6.03 3.97 -35.96
C GLN B 41 -4.99 3.74 -37.05
N ASP B 42 -5.12 4.42 -38.19
CA ASP B 42 -4.11 4.30 -39.24
C ASP B 42 -2.78 4.87 -38.79
N GLU B 43 -2.81 5.99 -38.07
CA GLU B 43 -1.57 6.67 -37.71
C GLU B 43 -0.82 5.94 -36.60
N VAL B 44 -1.55 5.33 -35.65
CA VAL B 44 -0.87 4.54 -34.63
C VAL B 44 -0.30 3.26 -35.24
N ASP B 45 -0.93 2.75 -36.30
CA ASP B 45 -0.39 1.57 -36.97
C ASP B 45 0.88 1.90 -37.74
N ASP B 46 1.00 3.13 -38.23
CA ASP B 46 2.21 3.54 -38.95
C ASP B 46 3.37 3.77 -37.99
N TYR B 47 3.09 4.29 -36.80
CA TYR B 47 4.16 4.57 -35.84
C TYR B 47 4.73 3.28 -35.26
N VAL B 48 3.87 2.44 -34.70
CA VAL B 48 4.31 1.19 -34.09
C VAL B 48 4.67 0.18 -35.17
N THR B 68 -4.23 -7.29 -21.60
CA THR B 68 -4.87 -6.04 -22.04
C THR B 68 -3.81 -5.02 -22.43
N LYS B 69 -3.96 -4.43 -23.62
CA LYS B 69 -3.06 -3.40 -24.12
C LYS B 69 -3.66 -2.03 -23.86
N GLN B 70 -2.88 -1.16 -23.22
CA GLN B 70 -3.29 0.23 -22.96
C GLN B 70 -2.13 1.16 -23.28
N PRO B 71 -1.75 1.28 -24.57
CA PRO B 71 -0.62 2.14 -24.92
C PRO B 71 -1.04 3.58 -25.13
N SER B 72 -0.29 4.52 -24.56
CA SER B 72 -0.61 5.94 -24.59
C SER B 72 0.32 6.65 -25.57
N ASN B 73 0.66 7.91 -25.27
CA ASN B 73 1.48 8.76 -26.16
C ASN B 73 0.78 8.96 -27.51
N LEU B 74 -0.54 9.16 -27.48
CA LEU B 74 -1.30 9.28 -28.71
C LEU B 74 -0.99 10.56 -29.46
N SER B 75 -0.61 11.63 -28.74
CA SER B 75 -0.29 12.88 -29.41
C SER B 75 0.98 12.75 -30.25
N LEU B 76 1.94 11.97 -29.78
CA LEU B 76 3.17 11.76 -30.54
C LEU B 76 2.93 10.86 -31.75
N MET B 77 1.98 9.93 -31.64
CA MET B 77 1.79 8.93 -32.69
C MET B 77 0.85 9.40 -33.79
N SER B 78 -0.29 9.98 -33.43
CA SER B 78 -1.34 10.32 -34.38
C SER B 78 -1.37 11.83 -34.61
N LYS B 79 -1.18 12.24 -35.85
CA LYS B 79 -1.37 13.64 -36.21
C LYS B 79 -2.84 14.04 -36.07
N THR B 80 -3.75 13.12 -36.39
CA THR B 80 -5.18 13.39 -36.25
C THR B 80 -5.56 13.58 -34.78
N TYR B 81 -4.91 12.85 -33.88
CA TYR B 81 -5.19 13.01 -32.45
C TYR B 81 -4.84 14.40 -31.95
N ARG B 82 -3.67 14.91 -32.36
CA ARG B 82 -3.19 16.20 -31.86
C ARG B 82 -3.69 17.39 -32.68
N CYS B 83 -4.15 17.17 -33.91
CA CYS B 83 -4.60 18.26 -34.76
C CYS B 83 -6.12 18.42 -34.79
N GLU B 84 -6.87 17.34 -34.65
CA GLU B 84 -8.33 17.40 -34.71
C GLU B 84 -8.99 16.94 -33.42
N VAL B 85 -8.59 15.78 -32.88
CA VAL B 85 -9.28 15.23 -31.73
C VAL B 85 -9.13 16.14 -30.51
N LEU B 86 -7.90 16.59 -30.25
CA LEU B 86 -7.67 17.46 -29.10
C LEU B 86 -8.27 18.85 -29.26
N ASN B 87 -8.78 19.17 -30.45
CA ASN B 87 -9.49 20.42 -30.70
C ASN B 87 -11.00 20.24 -30.69
N HIS B 88 -11.49 19.07 -30.25
CA HIS B 88 -12.91 18.75 -30.36
C HIS B 88 -13.75 19.76 -29.60
N PRO B 89 -14.75 20.37 -30.23
CA PRO B 89 -15.53 21.42 -29.53
C PRO B 89 -16.33 20.88 -28.36
N TRP B 90 -16.72 19.60 -28.37
CA TRP B 90 -17.48 19.05 -27.25
C TRP B 90 -16.62 18.88 -26.01
N MET B 91 -15.37 18.42 -26.19
CA MET B 91 -14.48 18.24 -25.06
C MET B 91 -14.25 19.56 -24.33
N HIS B 92 -13.95 20.62 -25.08
CA HIS B 92 -13.65 21.90 -24.46
C HIS B 92 -14.91 22.59 -23.94
N ALA B 93 -16.06 22.35 -24.55
CA ALA B 93 -17.30 22.87 -24.00
C ALA B 93 -17.60 22.27 -22.63
N ILE B 94 -17.40 20.97 -22.48
CA ILE B 94 -17.68 20.31 -21.21
C ILE B 94 -16.61 20.64 -20.17
N CYS B 95 -15.34 20.65 -20.60
CA CYS B 95 -14.26 20.90 -19.65
C CYS B 95 -14.31 22.32 -19.10
N GLU B 96 -14.64 23.30 -19.96
CA GLU B 96 -14.70 24.69 -19.49
C GLU B 96 -15.79 24.87 -18.44
N ARG B 97 -16.92 24.19 -18.61
CA ARG B 97 -18.00 24.29 -17.63
C ARG B 97 -17.74 23.46 -16.38
N MET B 98 -16.89 22.44 -16.47
CA MET B 98 -16.59 21.59 -15.34
C MET B 98 -15.48 22.15 -14.46
N PHE B 99 -14.37 22.57 -15.07
CA PHE B 99 -13.21 23.05 -14.31
C PHE B 99 -13.11 24.57 -14.25
N GLY B 100 -13.75 25.27 -15.18
CA GLY B 100 -13.63 26.71 -15.29
C GLY B 100 -14.01 27.51 -14.05
N PRO B 101 -15.25 27.36 -13.57
CA PRO B 101 -15.72 28.23 -12.47
C PRO B 101 -14.95 28.07 -11.17
N THR B 102 -14.13 27.04 -11.00
CA THR B 102 -13.40 26.83 -9.75
C THR B 102 -11.89 26.77 -9.94
N TYR B 103 -11.42 26.13 -11.01
CA TYR B 103 -9.98 25.98 -11.23
C TYR B 103 -9.43 26.91 -12.29
N GLY B 104 -10.27 27.46 -13.16
CA GLY B 104 -9.79 28.26 -14.27
C GLY B 104 -9.38 27.40 -15.45
N ASP B 105 -8.08 27.38 -15.75
CA ASP B 105 -7.59 26.61 -16.88
C ASP B 105 -7.62 25.12 -16.58
N TYR B 106 -7.71 24.32 -17.65
CA TYR B 106 -7.55 22.88 -17.61
C TYR B 106 -6.54 22.50 -18.68
N TRP B 107 -6.09 21.25 -18.65
CA TRP B 107 -5.21 20.76 -19.70
C TRP B 107 -5.31 19.24 -19.78
N PHE B 108 -4.51 18.66 -20.67
CA PHE B 108 -4.60 17.25 -20.99
C PHE B 108 -4.02 16.40 -19.87
N ASN B 109 -4.78 15.40 -19.43
CA ASN B 109 -4.32 14.50 -18.37
C ASN B 109 -3.61 13.29 -18.96
N GLY B 110 -4.35 12.45 -19.70
CA GLY B 110 -3.77 11.29 -20.34
C GLY B 110 -4.70 10.77 -21.41
N GLY B 111 -4.16 9.89 -22.24
CA GLY B 111 -4.92 9.29 -23.32
C GLY B 111 -4.22 8.08 -23.90
N SER B 112 -4.95 6.98 -24.04
CA SER B 112 -4.36 5.73 -24.52
C SER B 112 -5.36 4.99 -25.40
N ILE B 113 -4.90 3.90 -25.99
CA ILE B 113 -5.75 3.02 -26.78
C ILE B 113 -6.25 1.90 -25.87
N LEU B 114 -7.56 1.68 -25.89
CA LEU B 114 -8.20 0.67 -25.03
C LEU B 114 -8.44 -0.58 -25.87
N HIS B 115 -7.50 -1.52 -25.78
CA HIS B 115 -7.57 -2.76 -26.53
C HIS B 115 -8.00 -3.91 -25.62
N LEU B 116 -9.05 -4.62 -26.03
CA LEU B 116 -9.57 -5.77 -25.31
C LEU B 116 -9.37 -6.99 -26.21
N GLU B 117 -8.30 -7.74 -25.97
CA GLU B 117 -8.03 -8.93 -26.76
C GLU B 117 -9.09 -10.00 -26.47
N PRO B 118 -9.40 -10.84 -27.45
CA PRO B 118 -10.39 -11.90 -27.22
C PRO B 118 -9.95 -12.81 -26.08
N GLY B 119 -10.91 -13.14 -25.21
CA GLY B 119 -10.65 -13.92 -24.03
C GLY B 119 -10.32 -13.12 -22.78
N GLU B 120 -10.35 -11.80 -22.86
CA GLU B 120 -10.03 -10.97 -21.70
C GLU B 120 -11.18 -11.00 -20.70
N ASN B 121 -10.82 -11.06 -19.41
CA ASN B 121 -11.81 -11.09 -18.35
C ASN B 121 -12.27 -9.68 -17.99
N THR B 122 -13.22 -9.60 -17.07
CA THR B 122 -13.81 -8.31 -16.71
C THR B 122 -12.85 -7.49 -15.87
N GLN B 123 -12.69 -6.22 -16.24
CA GLN B 123 -11.86 -5.30 -15.48
C GLN B 123 -12.51 -4.98 -14.14
N PRO B 124 -11.72 -4.79 -13.09
CA PRO B 124 -12.29 -4.36 -11.81
C PRO B 124 -13.00 -3.02 -11.93
N ILE B 125 -14.13 -2.90 -11.23
CA ILE B 125 -14.90 -1.66 -11.24
C ILE B 125 -14.18 -0.62 -10.39
N HIS B 126 -14.05 0.60 -10.92
CA HIS B 126 -13.22 1.60 -10.28
C HIS B 126 -13.69 3.00 -10.62
N GLN B 127 -13.20 3.96 -9.84
CA GLN B 127 -13.32 5.38 -10.16
C GLN B 127 -11.98 5.86 -10.72
N ASP B 128 -12.04 6.71 -11.76
CA ASP B 128 -10.82 7.15 -12.40
C ASP B 128 -10.02 8.09 -11.52
N HIS B 129 -10.63 8.74 -10.54
CA HIS B 129 -9.91 9.66 -9.67
C HIS B 129 -9.31 8.97 -8.45
N VAL B 130 -9.20 7.64 -8.46
CA VAL B 130 -8.67 6.92 -7.31
C VAL B 130 -7.19 7.21 -7.12
N PHE B 131 -6.45 7.45 -8.20
CA PHE B 131 -5.02 7.71 -8.08
C PHE B 131 -4.72 9.15 -7.69
N TYR B 132 -5.74 9.97 -7.46
CA TYR B 132 -5.57 11.28 -6.83
C TYR B 132 -5.71 11.11 -5.33
N GLN B 133 -4.67 11.47 -4.58
CA GLN B 133 -4.75 11.39 -3.13
C GLN B 133 -5.78 12.36 -2.58
N ILE B 134 -5.99 13.50 -3.27
CA ILE B 134 -6.94 14.50 -2.80
C ILE B 134 -8.39 14.12 -3.05
N SER B 135 -8.64 12.98 -3.70
CA SER B 135 -10.01 12.51 -3.86
C SER B 135 -10.64 12.12 -2.53
N LYS B 136 -9.82 11.83 -1.51
CA LYS B 136 -10.36 11.49 -0.20
C LYS B 136 -10.92 12.71 0.50
N TRP B 137 -10.28 13.87 0.30
CA TRP B 137 -10.84 15.12 0.83
C TRP B 137 -12.03 15.61 0.02
N ARG B 138 -12.20 15.11 -1.20
CA ARG B 138 -13.25 15.60 -2.08
C ARG B 138 -14.62 15.12 -1.62
N ARG B 139 -15.63 15.94 -1.88
CA ARG B 139 -17.01 15.64 -1.60
C ARG B 139 -17.79 15.41 -2.89
N PRO B 140 -18.85 14.60 -2.86
CA PRO B 140 -19.61 14.34 -4.10
C PRO B 140 -20.21 15.59 -4.72
N THR B 141 -20.39 16.66 -3.95
CA THR B 141 -20.92 17.91 -4.49
C THR B 141 -19.85 18.78 -5.12
N ASP B 142 -18.58 18.56 -4.79
CA ASP B 142 -17.50 19.30 -5.39
C ASP B 142 -17.32 18.87 -6.84
N PRO B 143 -16.77 19.73 -7.70
CA PRO B 143 -16.50 19.35 -9.09
C PRO B 143 -15.53 18.17 -9.16
N ASP B 144 -15.50 17.54 -10.32
CA ASP B 144 -14.69 16.36 -10.51
C ASP B 144 -13.21 16.72 -10.64
N LEU B 145 -12.35 15.74 -10.33
CA LEU B 145 -10.91 15.93 -10.41
C LEU B 145 -10.38 15.70 -11.83
N THR B 146 -11.15 15.03 -12.68
CA THR B 146 -10.74 14.71 -14.04
C THR B 146 -11.97 14.21 -14.79
N ILE B 147 -11.90 14.28 -16.12
CA ILE B 147 -12.97 13.81 -16.98
C ILE B 147 -12.35 13.04 -18.14
N ASN B 148 -12.97 11.92 -18.50
CA ASN B 148 -12.49 11.04 -19.55
C ASN B 148 -13.50 11.00 -20.69
N PHE B 149 -12.98 10.97 -21.92
CA PHE B 149 -13.79 10.79 -23.12
C PHE B 149 -13.35 9.49 -23.79
N THR B 150 -14.21 8.48 -23.75
CA THR B 150 -13.91 7.18 -24.33
C THR B 150 -14.67 7.04 -25.64
N MET B 151 -13.93 7.06 -26.74
CA MET B 151 -14.49 6.97 -28.08
C MET B 151 -14.28 5.58 -28.65
N ALA B 152 -15.28 5.10 -29.40
CA ALA B 152 -15.25 3.74 -29.92
C ALA B 152 -14.58 3.69 -31.29
N LEU B 153 -13.58 2.83 -31.42
CA LEU B 153 -12.96 2.56 -32.71
C LEU B 153 -13.67 1.39 -33.40
N THR B 154 -13.67 0.23 -32.76
CA THR B 154 -14.63 -0.80 -33.11
C THR B 154 -15.91 -0.56 -32.32
N GLU B 155 -16.93 -1.35 -32.64
CA GLU B 155 -18.20 -1.26 -31.93
C GLU B 155 -18.04 -1.78 -30.50
N PHE B 156 -18.77 -1.16 -29.58
CA PHE B 156 -18.83 -1.60 -28.19
C PHE B 156 -20.12 -2.37 -27.98
N THR B 157 -20.00 -3.67 -27.71
CA THR B 157 -21.15 -4.51 -27.41
C THR B 157 -21.05 -5.06 -25.99
N VAL B 158 -22.17 -5.62 -25.53
CA VAL B 158 -22.18 -6.35 -24.26
C VAL B 158 -21.17 -7.50 -24.32
N GLU B 159 -21.08 -8.15 -25.47
CA GLU B 159 -20.35 -9.41 -25.59
C GLU B 159 -18.85 -9.20 -25.76
N ASN B 160 -18.45 -8.17 -26.50
CA ASN B 160 -17.02 -7.93 -26.73
C ASN B 160 -16.36 -7.11 -25.62
N GLY B 161 -17.08 -6.87 -24.52
CA GLY B 161 -16.49 -6.20 -23.37
C GLY B 161 -16.63 -4.70 -23.34
N GLY B 162 -17.70 -4.16 -23.92
CA GLY B 162 -17.91 -2.73 -23.87
C GLY B 162 -17.97 -2.22 -22.44
N THR B 163 -17.58 -0.97 -22.26
CA THR B 163 -17.50 -0.39 -20.93
C THR B 163 -18.87 -0.40 -20.25
N ARG B 164 -18.87 -0.68 -18.95
CA ARG B 164 -20.07 -0.67 -18.14
C ARG B 164 -19.99 0.45 -17.12
N VAL B 165 -21.10 1.17 -16.95
CA VAL B 165 -21.17 2.27 -16.00
C VAL B 165 -22.27 1.98 -14.99
N CYS B 166 -22.15 2.59 -13.81
CA CYS B 166 -23.16 2.52 -12.77
C CYS B 166 -23.75 3.91 -12.61
N PRO B 167 -24.80 4.25 -13.37
CA PRO B 167 -25.36 5.61 -13.28
C PRO B 167 -25.78 5.97 -11.87
N GLY B 168 -25.45 7.20 -11.46
CA GLY B 168 -25.75 7.69 -10.14
C GLY B 168 -24.67 7.43 -9.11
N SER B 169 -23.74 6.51 -9.37
CA SER B 169 -22.69 6.18 -8.41
C SER B 169 -21.71 7.31 -8.21
N HIS B 170 -21.71 8.33 -9.07
CA HIS B 170 -20.84 9.48 -8.89
C HIS B 170 -21.21 10.30 -7.67
N LEU B 171 -22.44 10.17 -7.16
CA LEU B 171 -22.90 10.93 -6.01
C LEU B 171 -22.66 10.21 -4.69
N TRP B 172 -22.20 8.96 -4.72
CA TRP B 172 -21.92 8.23 -3.50
C TRP B 172 -20.78 8.89 -2.74
N GLU B 173 -20.71 8.61 -1.43
CA GLU B 173 -19.59 9.06 -0.62
C GLU B 173 -18.30 8.43 -1.13
N ASN B 174 -17.17 9.06 -0.76
CA ASN B 174 -15.88 8.67 -1.32
C ASN B 174 -15.57 7.19 -1.05
N GLY B 175 -15.60 6.79 0.22
CA GLY B 175 -15.23 5.44 0.57
C GLY B 175 -16.35 4.42 0.45
N HIS B 176 -17.31 4.67 -0.44
CA HIS B 176 -18.41 3.74 -0.63
C HIS B 176 -17.92 2.45 -1.28
N ALA B 177 -18.58 1.35 -0.96
CA ALA B 177 -18.23 0.07 -1.54
C ALA B 177 -18.47 0.09 -3.06
N SER B 178 -17.69 -0.73 -3.76
CA SER B 178 -17.82 -0.81 -5.21
C SER B 178 -19.21 -1.30 -5.59
N PRO B 179 -19.75 -0.85 -6.72
CA PRO B 179 -21.03 -1.38 -7.19
C PRO B 179 -20.95 -2.88 -7.43
N ALA B 180 -22.06 -3.57 -7.17
CA ALA B 180 -22.12 -4.99 -7.49
C ALA B 180 -22.07 -5.18 -8.99
N GLU B 181 -21.58 -6.36 -9.41
CA GLU B 181 -21.47 -6.66 -10.83
C GLU B 181 -22.83 -6.59 -11.52
N GLU B 182 -23.89 -7.02 -10.82
CA GLU B 182 -25.22 -7.02 -11.39
C GLU B 182 -25.76 -5.61 -11.64
N ASP B 183 -25.19 -4.61 -10.98
CA ASP B 183 -25.65 -3.23 -11.18
C ASP B 183 -25.06 -2.59 -12.44
N MET B 184 -23.97 -3.13 -12.96
CA MET B 184 -23.25 -2.47 -14.04
C MET B 184 -24.08 -2.47 -15.32
N VAL B 185 -24.13 -1.32 -15.98
CA VAL B 185 -24.93 -1.09 -17.19
C VAL B 185 -23.96 -1.02 -18.36
N PRO B 186 -23.97 -2.00 -19.28
CA PRO B 186 -23.05 -1.94 -20.41
C PRO B 186 -23.42 -0.82 -21.38
N VAL B 187 -22.41 -0.28 -22.04
CA VAL B 187 -22.57 0.85 -22.95
C VAL B 187 -22.38 0.34 -24.38
N LEU B 188 -23.44 0.43 -25.18
CA LEU B 188 -23.40 -0.01 -26.57
C LEU B 188 -23.06 1.18 -27.46
N MET B 189 -22.11 0.99 -28.36
CA MET B 189 -21.61 2.09 -29.17
C MET B 189 -21.23 1.63 -30.56
N GLN B 190 -21.56 2.44 -31.55
CA GLN B 190 -21.04 2.34 -32.89
C GLN B 190 -19.72 3.10 -32.99
N PRO B 191 -18.87 2.79 -33.96
CA PRO B 191 -17.64 3.57 -34.15
C PRO B 191 -17.96 5.04 -34.36
N GLY B 192 -17.44 5.88 -33.47
CA GLY B 192 -17.63 7.32 -33.52
C GLY B 192 -18.30 7.89 -32.29
N ASP B 193 -19.11 7.09 -31.60
CA ASP B 193 -19.74 7.54 -30.37
C ASP B 193 -18.70 7.67 -29.25
N ALA B 194 -19.06 8.38 -28.19
CA ALA B 194 -18.16 8.62 -27.08
C ALA B 194 -18.87 8.51 -25.75
N LEU B 195 -18.18 7.94 -24.78
CA LEU B 195 -18.67 7.84 -23.40
C LEU B 195 -18.02 8.94 -22.58
N ILE B 196 -18.85 9.75 -21.93
CA ILE B 196 -18.37 10.80 -21.05
C ILE B 196 -18.22 10.23 -19.65
N LEU B 197 -16.99 10.20 -19.13
CA LEU B 197 -16.67 9.54 -17.87
C LEU B 197 -16.01 10.53 -16.91
N PRO B 198 -16.80 11.20 -16.07
CA PRO B 198 -16.20 11.96 -14.97
C PRO B 198 -15.45 11.04 -14.03
N GLY B 199 -14.52 11.63 -13.27
CA GLY B 199 -13.62 10.86 -12.44
C GLY B 199 -14.29 10.12 -11.29
N SER B 200 -15.51 10.52 -10.93
CA SER B 200 -16.22 9.89 -9.82
C SER B 200 -17.16 8.78 -10.25
N MET B 201 -17.33 8.55 -11.55
CA MET B 201 -18.23 7.52 -12.04
C MET B 201 -17.57 6.16 -11.92
N TRP B 202 -18.25 5.23 -11.24
CA TRP B 202 -17.77 3.86 -11.18
C TRP B 202 -18.01 3.17 -12.51
N HIS B 203 -16.97 2.53 -13.03
CA HIS B 203 -17.04 1.91 -14.34
C HIS B 203 -15.94 0.86 -14.45
N SER B 204 -16.04 0.04 -15.50
CA SER B 204 -15.03 -0.96 -15.82
C SER B 204 -15.34 -1.53 -17.19
N ALA B 205 -14.31 -2.06 -17.84
CA ALA B 205 -14.50 -2.77 -19.09
C ALA B 205 -15.06 -4.17 -18.82
N GLY B 206 -15.85 -4.67 -19.76
CA GLY B 206 -16.40 -6.00 -19.67
C GLY B 206 -15.44 -7.05 -20.19
N ALA B 207 -15.85 -8.31 -20.05
CA ALA B 207 -15.09 -9.42 -20.59
C ALA B 207 -15.39 -9.56 -22.08
N ASN B 208 -14.33 -9.67 -22.89
CA ASN B 208 -14.48 -9.86 -24.33
C ASN B 208 -14.77 -11.33 -24.59
N ARG B 209 -16.05 -11.65 -24.78
CA ARG B 209 -16.48 -13.02 -25.06
C ARG B 209 -16.67 -13.27 -26.55
N THR B 210 -16.07 -12.44 -27.40
CA THR B 210 -16.16 -12.59 -28.85
C THR B 210 -14.79 -12.96 -29.41
N SER B 211 -14.76 -13.21 -30.73
CA SER B 211 -13.54 -13.59 -31.41
C SER B 211 -12.73 -12.40 -31.90
N GLU B 212 -13.33 -11.22 -31.97
CA GLU B 212 -12.64 -10.02 -32.43
C GLU B 212 -12.37 -9.08 -31.26
N TYR B 213 -11.27 -8.33 -31.36
CA TYR B 213 -10.92 -7.42 -30.30
C TYR B 213 -11.90 -6.25 -30.25
N ARG B 214 -12.00 -5.65 -29.07
CA ARG B 214 -12.78 -4.44 -28.86
C ARG B 214 -11.82 -3.28 -28.68
N ARG B 215 -11.79 -2.38 -29.67
CA ARG B 215 -10.84 -1.29 -29.71
C ARG B 215 -11.53 0.04 -29.43
N GLY B 216 -10.87 0.88 -28.64
CA GLY B 216 -11.30 2.24 -28.39
C GLY B 216 -10.10 3.05 -27.98
N PHE B 217 -10.29 4.37 -27.93
CA PHE B 217 -9.24 5.28 -27.49
C PHE B 217 -9.87 6.42 -26.70
N ALA B 218 -9.06 7.03 -25.84
CA ALA B 218 -9.58 7.96 -24.85
C ALA B 218 -8.80 9.26 -24.87
N THR B 219 -9.48 10.31 -24.40
CA THR B 219 -8.83 11.55 -23.98
C THR B 219 -9.31 11.87 -22.57
N SER B 220 -8.47 12.55 -21.81
CA SER B 220 -8.81 12.94 -20.45
C SER B 220 -8.21 14.30 -20.15
N PHE B 221 -8.96 15.12 -19.41
CA PHE B 221 -8.53 16.45 -19.00
C PHE B 221 -8.76 16.62 -17.51
N HIS B 222 -8.03 17.55 -16.92
CA HIS B 222 -8.13 17.81 -15.49
C HIS B 222 -7.63 19.23 -15.22
N PRO B 223 -7.91 19.79 -14.04
CA PRO B 223 -7.51 21.17 -13.75
C PRO B 223 -6.02 21.41 -13.97
N CYS B 224 -5.69 22.65 -14.33
CA CYS B 224 -4.32 23.00 -14.68
C CYS B 224 -3.38 22.86 -13.48
N HIS B 225 -3.90 22.98 -12.27
CA HIS B 225 -3.07 22.86 -11.07
C HIS B 225 -2.73 21.42 -10.71
N PHE B 226 -3.15 20.45 -11.52
CA PHE B 226 -2.86 19.05 -11.28
C PHE B 226 -1.87 18.53 -12.32
N THR B 227 -0.95 17.69 -11.88
CA THR B 227 0.10 17.19 -12.77
C THR B 227 -0.46 16.13 -13.69
N PRO B 228 -0.24 16.22 -15.00
CA PRO B 228 -0.80 15.24 -15.92
C PRO B 228 -0.09 13.89 -15.81
N ILE B 229 -0.83 12.83 -16.16
CA ILE B 229 -0.26 11.49 -16.21
C ILE B 229 0.88 11.44 -17.21
N GLU B 230 0.73 12.14 -18.33
CA GLU B 230 1.68 12.10 -19.43
C GLU B 230 2.28 13.47 -19.66
N SER B 231 3.59 13.52 -19.85
CA SER B 231 4.27 14.70 -20.34
C SER B 231 4.48 14.58 -21.85
N HIS B 232 4.56 15.73 -22.52
CA HIS B 232 4.78 15.76 -23.96
C HIS B 232 6.00 16.59 -24.34
N HIS B 233 6.90 16.82 -23.38
CA HIS B 233 8.10 17.62 -23.66
C HIS B 233 9.10 16.87 -24.53
N HIS B 234 8.95 15.56 -24.67
CA HIS B 234 9.81 14.80 -25.58
C HIS B 234 9.39 14.93 -27.03
N LEU B 235 8.25 15.57 -27.30
CA LEU B 235 7.79 15.74 -28.66
C LEU B 235 8.71 16.70 -29.43
N PRO B 236 8.93 16.47 -30.72
CA PRO B 236 9.78 17.38 -31.48
C PRO B 236 9.16 18.75 -31.63
N ARG B 237 10.02 19.75 -31.79
CA ARG B 237 9.55 21.13 -31.84
C ARG B 237 8.67 21.39 -33.05
N GLU B 238 8.96 20.74 -34.18
CA GLU B 238 8.13 20.90 -35.37
C GLU B 238 6.71 20.40 -35.11
N MET B 239 6.58 19.35 -34.30
CA MET B 239 5.25 18.87 -33.92
C MET B 239 4.50 19.92 -33.12
N VAL B 240 5.16 20.53 -32.15
CA VAL B 240 4.50 21.51 -31.28
C VAL B 240 4.12 22.76 -32.06
N GLU B 241 4.99 23.19 -33.00
CA GLU B 241 4.71 24.39 -33.76
C GLU B 241 3.47 24.25 -34.62
N GLU B 242 3.15 23.03 -35.05
CA GLU B 242 1.99 22.81 -35.90
C GLU B 242 0.68 22.73 -35.12
N MET B 243 0.73 22.58 -33.80
CA MET B 243 -0.50 22.51 -33.03
C MET B 243 -1.13 23.90 -32.91
N THR B 244 -2.44 23.90 -32.69
CA THR B 244 -3.15 25.12 -32.37
C THR B 244 -2.69 25.64 -31.01
N PRO B 245 -2.82 26.95 -30.76
CA PRO B 245 -2.53 27.45 -29.41
C PRO B 245 -3.36 26.78 -28.34
N LEU B 246 -4.55 26.31 -28.68
CA LEU B 246 -5.37 25.59 -27.70
C LEU B 246 -4.76 24.25 -27.33
N VAL B 247 -4.35 23.46 -28.34
CA VAL B 247 -3.74 22.17 -28.07
C VAL B 247 -2.36 22.34 -27.46
N GLN B 248 -1.62 23.39 -27.86
CA GLN B 248 -0.32 23.66 -27.25
C GLN B 248 -0.46 23.84 -25.74
N LYS B 249 -1.51 24.52 -25.30
CA LYS B 249 -1.74 24.67 -23.87
C LYS B 249 -2.17 23.36 -23.24
N MET B 250 -2.96 22.55 -23.98
CA MET B 250 -3.41 21.28 -23.42
C MET B 250 -2.25 20.34 -23.14
N LEU B 251 -1.20 20.38 -23.96
CA LEU B 251 -0.10 19.43 -23.89
C LEU B 251 1.10 19.97 -23.11
N GLY B 252 0.91 21.03 -22.34
CA GLY B 252 1.95 21.48 -21.42
C GLY B 252 3.02 22.36 -22.02
N PHE B 253 2.69 23.16 -23.04
CA PHE B 253 3.66 24.04 -23.68
C PHE B 253 3.41 25.51 -23.40
N ARG B 254 2.40 25.84 -22.59
CA ARG B 254 2.05 27.23 -22.33
C ARG B 254 1.73 27.41 -20.86
N THR B 255 1.85 28.66 -20.41
CA THR B 255 1.51 29.00 -19.03
C THR B 255 0.01 28.91 -18.81
N LEU B 256 -0.37 28.42 -17.64
CA LEU B 256 -1.77 28.20 -17.29
C LEU B 256 -2.24 29.26 -16.31
N ASN B 257 -3.53 29.59 -16.40
CA ASN B 257 -4.13 30.63 -15.57
C ASN B 257 -5.13 29.97 -14.61
N LEU B 258 -4.90 30.16 -13.31
CA LEU B 258 -5.82 29.65 -12.30
C LEU B 258 -7.09 30.50 -12.29
N HIS B 259 -8.00 30.17 -11.38
CA HIS B 259 -9.29 30.86 -11.31
C HIS B 259 -9.11 32.34 -11.02
N ASN B 260 -8.21 32.68 -10.09
CA ASN B 260 -7.92 34.07 -9.76
C ASN B 260 -6.91 34.71 -10.71
N ASN B 261 -6.73 34.14 -11.91
CA ASN B 261 -5.77 34.57 -12.91
C ASN B 261 -4.33 34.52 -12.41
N VAL B 262 -4.08 33.89 -11.26
CA VAL B 262 -2.73 33.58 -10.85
C VAL B 262 -2.17 32.52 -11.80
N LYS B 263 -0.92 32.71 -12.23
CA LYS B 263 -0.33 31.88 -13.26
C LYS B 263 0.54 30.78 -12.66
N VAL B 264 0.38 29.57 -13.21
CA VAL B 264 1.27 28.46 -12.91
C VAL B 264 1.90 28.00 -14.22
N TRP B 265 2.90 27.14 -14.11
CA TRP B 265 3.64 26.64 -15.28
C TRP B 265 4.28 27.79 -16.06
N LYS B 266 5.01 28.64 -15.34
CA LYS B 266 5.63 29.84 -15.88
C LYS B 266 7.10 29.63 -16.18
N ALA B 267 7.67 30.58 -16.89
CA ALA B 267 9.11 30.61 -17.16
C ALA B 267 9.78 31.69 -16.31
N GLY B 268 9.70 31.50 -14.99
CA GLY B 268 10.20 32.47 -14.05
C GLY B 268 9.26 33.67 -13.95
N GLU B 269 9.54 34.70 -14.75
CA GLU B 269 8.70 35.89 -14.75
C GLU B 269 7.53 35.73 -15.72
N GLY B 270 7.81 35.62 -17.01
CA GLY B 270 6.79 35.62 -18.04
C GLY B 270 6.29 34.24 -18.38
N ASN B 271 5.72 34.13 -19.58
CA ASN B 271 5.10 32.90 -20.03
C ASN B 271 6.12 31.94 -20.62
N LEU B 272 5.83 30.64 -20.51
CA LEU B 272 6.73 29.63 -21.04
C LEU B 272 6.82 29.73 -22.57
N GLU B 273 5.68 30.00 -23.22
CA GLU B 273 5.66 30.11 -24.68
C GLU B 273 6.52 31.26 -25.18
N ASP B 274 6.77 32.27 -24.34
CA ASP B 274 7.64 33.37 -24.74
C ASP B 274 9.11 33.01 -24.55
N ALA B 275 9.43 32.28 -23.49
CA ALA B 275 10.81 31.88 -23.26
C ALA B 275 11.30 30.88 -24.30
N THR B 276 10.41 30.02 -24.77
CA THR B 276 10.76 29.05 -25.81
C THR B 276 10.59 29.58 -27.22
N GLY B 277 9.94 30.74 -27.38
CA GLY B 277 9.67 31.27 -28.70
C GLY B 277 8.73 30.40 -29.52
N LEU B 278 7.71 29.84 -28.87
CA LEU B 278 6.77 28.92 -29.51
C LEU B 278 6.11 29.53 -30.75
N LEU C 4 9.05 -10.91 40.93
CA LEU C 4 10.00 -10.79 39.83
C LEU C 4 11.36 -11.36 40.21
N HIS C 5 11.81 -12.36 39.47
CA HIS C 5 13.06 -13.06 39.75
C HIS C 5 14.13 -12.64 38.74
N TYR C 6 15.32 -12.34 39.23
CA TYR C 6 16.50 -12.14 38.41
C TYR C 6 17.41 -13.35 38.59
N VAL C 7 17.73 -14.03 37.49
CA VAL C 7 18.48 -15.27 37.56
C VAL C 7 19.75 -15.17 36.73
N PRO C 8 20.83 -15.85 37.12
CA PRO C 8 22.05 -15.84 36.29
C PRO C 8 21.86 -16.66 35.03
N TYR C 9 22.84 -16.52 34.13
CA TYR C 9 22.76 -17.21 32.84
C TYR C 9 22.76 -18.72 33.01
N ASP C 10 23.57 -19.24 33.94
CA ASP C 10 23.71 -20.66 34.14
C ASP C 10 22.58 -21.29 34.95
N THR C 11 21.45 -20.61 35.07
CA THR C 11 20.31 -21.17 35.80
C THR C 11 19.80 -22.40 35.06
N PRO C 12 19.61 -23.52 35.76
CA PRO C 12 19.07 -24.71 35.09
C PRO C 12 17.73 -24.43 34.43
N VAL C 13 17.52 -25.04 33.26
CA VAL C 13 16.31 -24.79 32.48
C VAL C 13 15.06 -25.12 33.30
N GLU C 14 15.12 -26.19 34.08
CA GLU C 14 13.98 -26.57 34.90
C GLU C 14 13.64 -25.51 35.94
N ASP C 15 14.64 -24.77 36.42
CA ASP C 15 14.37 -23.69 37.35
C ASP C 15 13.65 -22.52 36.67
N VAL C 16 14.11 -22.17 35.46
CA VAL C 16 13.53 -21.03 34.75
C VAL C 16 12.07 -21.33 34.38
N MET C 17 11.79 -22.55 33.93
CA MET C 17 10.42 -22.89 33.58
C MET C 17 9.53 -22.95 34.82
N ARG C 18 10.09 -23.27 35.98
CA ARG C 18 9.31 -23.27 37.21
C ARG C 18 8.93 -21.86 37.64
N ILE C 19 9.86 -20.91 37.54
CA ILE C 19 9.54 -19.52 37.88
C ILE C 19 8.57 -18.93 36.86
N LEU C 20 8.74 -19.28 35.58
CA LEU C 20 7.76 -18.87 34.57
C LEU C 20 6.36 -19.35 34.92
N LYS C 21 6.23 -20.59 35.34
CA LYS C 21 4.91 -21.13 35.67
C LYS C 21 4.31 -20.43 36.88
N GLU C 22 5.13 -20.15 37.90
CA GLU C 22 4.64 -19.60 39.16
C GLU C 22 4.54 -18.07 39.13
N SER C 23 5.52 -17.39 38.56
CA SER C 23 5.54 -15.93 38.56
C SER C 23 5.08 -15.30 37.26
N GLY C 24 5.16 -16.03 36.14
CA GLY C 24 4.73 -15.52 34.86
C GLY C 24 5.77 -14.70 34.10
N THR C 25 6.92 -14.44 34.70
CA THR C 25 7.97 -13.64 34.09
C THR C 25 9.22 -13.74 34.97
N LEU C 26 10.34 -13.34 34.39
CA LEU C 26 11.62 -13.23 35.12
C LEU C 26 12.61 -12.55 34.19
N VAL C 27 13.82 -12.32 34.71
CA VAL C 27 14.92 -11.74 33.96
C VAL C 27 16.10 -12.69 34.03
N ILE C 28 16.70 -12.97 32.88
CA ILE C 28 17.95 -13.72 32.81
C ILE C 28 19.08 -12.72 32.60
N ARG C 29 19.89 -12.53 33.65
CA ARG C 29 20.98 -11.56 33.56
C ARG C 29 22.06 -12.05 32.61
N ASN C 30 22.61 -11.13 31.83
CA ASN C 30 23.64 -11.43 30.83
C ASN C 30 23.13 -12.45 29.82
N PHE C 31 21.87 -12.30 29.41
CA PHE C 31 21.30 -13.12 28.34
C PHE C 31 22.17 -13.07 27.10
N LEU C 32 22.61 -11.87 26.72
CA LEU C 32 23.61 -11.68 25.69
C LEU C 32 24.76 -10.86 26.26
N ASP C 33 25.92 -10.95 25.61
CA ASP C 33 26.98 -10.00 25.91
C ASP C 33 26.61 -8.64 25.35
N GLN C 34 27.17 -7.59 25.96
CA GLN C 34 26.86 -6.23 25.50
C GLN C 34 27.32 -6.03 24.06
N ASN C 35 28.33 -6.78 23.62
CA ASN C 35 28.80 -6.67 22.25
C ASN C 35 27.71 -7.07 21.26
N THR C 36 27.08 -8.22 21.49
CA THR C 36 26.11 -8.75 20.54
C THR C 36 24.91 -7.81 20.38
N VAL C 37 24.40 -7.26 21.49
N VAL C 37 24.39 -7.28 21.49
CA VAL C 37 23.25 -6.38 21.39
CA VAL C 37 23.26 -6.36 21.42
C VAL C 37 23.63 -5.04 20.76
C VAL C 37 23.66 -5.09 20.68
N GLN C 38 24.90 -4.65 20.87
CA GLN C 38 25.35 -3.43 20.19
C GLN C 38 25.49 -3.65 18.70
N LYS C 39 25.96 -4.84 18.28
CA LYS C 39 26.14 -5.11 16.86
C LYS C 39 24.83 -5.08 16.10
N VAL C 40 23.74 -5.53 16.75
CA VAL C 40 22.43 -5.49 16.09
C VAL C 40 22.03 -4.05 15.80
N GLN C 41 22.24 -3.14 16.76
CA GLN C 41 21.95 -1.73 16.54
C GLN C 41 22.81 -1.15 15.43
N ASP C 42 24.12 -1.44 15.46
CA ASP C 42 25.02 -0.93 14.43
C ASP C 42 24.60 -1.42 13.05
N GLU C 43 24.25 -2.71 12.94
CA GLU C 43 23.83 -3.25 11.65
C GLU C 43 22.51 -2.64 11.21
N VAL C 44 21.61 -2.35 12.16
CA VAL C 44 20.34 -1.72 11.82
C VAL C 44 20.58 -0.27 11.37
N ASP C 45 21.42 0.46 12.10
CA ASP C 45 21.77 1.82 11.69
C ASP C 45 22.44 1.82 10.33
N ASP C 46 23.32 0.85 10.07
CA ASP C 46 23.96 0.76 8.76
C ASP C 46 22.99 0.37 7.67
N TYR C 47 21.83 -0.18 8.01
CA TYR C 47 20.83 -0.54 7.01
C TYR C 47 19.95 0.66 6.65
N VAL C 48 19.36 1.31 7.66
CA VAL C 48 18.44 2.41 7.37
C VAL C 48 19.19 3.61 6.81
N ARG C 49 20.41 3.85 7.28
CA ARG C 49 21.27 4.91 6.78
C ARG C 49 20.55 6.27 6.80
N ASN C 50 19.94 6.59 7.94
CA ASN C 50 19.29 7.87 8.10
C ASN C 50 20.31 8.99 8.04
N TRP C 51 19.93 10.10 7.40
CA TRP C 51 20.83 11.23 7.24
C TRP C 51 21.07 11.88 8.60
N ASN C 52 22.34 11.98 8.98
CA ASN C 52 22.73 12.60 10.25
C ASN C 52 23.47 13.90 9.97
N PRO C 53 22.83 15.06 10.16
CA PRO C 53 23.47 16.33 9.79
C PRO C 53 24.67 16.64 10.67
N GLY C 54 25.72 17.18 10.04
CA GLY C 54 26.90 17.58 10.74
C GLY C 54 26.72 18.94 11.40
N PRO C 55 27.81 19.50 11.95
CA PRO C 55 27.69 20.79 12.63
C PRO C 55 27.54 21.96 11.69
N LYS C 56 27.98 21.85 10.44
CA LYS C 56 27.91 22.93 9.48
C LYS C 56 27.42 22.40 8.14
N TYR C 57 26.93 23.30 7.30
CA TYR C 57 26.47 22.92 5.98
C TYR C 57 27.61 22.32 5.16
N ASN C 58 27.25 21.36 4.32
CA ASN C 58 28.20 20.63 3.46
C ASN C 58 29.18 19.81 4.29
N LYS C 67 18.94 7.23 -0.78
CA LYS C 67 19.81 6.15 -0.32
C LYS C 67 19.48 5.74 1.10
N THR C 68 18.35 6.23 1.61
CA THR C 68 17.86 5.89 2.93
C THR C 68 16.71 4.89 2.81
N LYS C 69 16.77 3.80 3.57
CA LYS C 69 15.75 2.77 3.55
C LYS C 69 14.89 2.85 4.80
N GLN C 70 13.63 2.47 4.65
CA GLN C 70 12.72 2.35 5.78
C GLN C 70 13.02 1.07 6.56
N PRO C 71 12.69 1.04 7.86
CA PRO C 71 12.99 -0.16 8.65
C PRO C 71 12.11 -1.33 8.24
N SER C 72 12.74 -2.47 7.99
CA SER C 72 12.08 -3.71 7.60
C SER C 72 12.18 -4.71 8.76
N ASN C 73 12.17 -6.00 8.45
CA ASN C 73 12.29 -7.02 9.49
C ASN C 73 13.67 -6.95 10.13
N LEU C 74 13.71 -7.26 11.43
CA LEU C 74 14.98 -7.28 12.14
C LEU C 74 15.94 -8.33 11.58
N SER C 75 15.40 -9.46 11.10
CA SER C 75 16.26 -10.49 10.54
C SER C 75 16.80 -10.09 9.18
N LEU C 76 16.11 -9.20 8.47
CA LEU C 76 16.63 -8.69 7.20
C LEU C 76 17.68 -7.60 7.42
N MET C 77 17.54 -6.81 8.48
CA MET C 77 18.42 -5.67 8.67
C MET C 77 19.75 -6.08 9.29
N SER C 78 19.74 -7.03 10.22
CA SER C 78 20.90 -7.35 11.04
C SER C 78 21.35 -8.78 10.79
N LYS C 79 22.58 -8.95 10.34
CA LYS C 79 23.15 -10.27 10.16
C LYS C 79 23.33 -10.97 11.50
N THR C 80 23.71 -10.23 12.54
CA THR C 80 23.85 -10.81 13.87
C THR C 80 22.52 -11.30 14.42
N TYR C 81 21.43 -10.61 14.10
CA TYR C 81 20.13 -10.98 14.62
C TYR C 81 19.66 -12.32 14.05
N ARG C 82 19.77 -12.49 12.73
CA ARG C 82 19.25 -13.69 12.09
C ARG C 82 20.18 -14.89 12.23
N CYS C 83 21.48 -14.66 12.38
CA CYS C 83 22.45 -15.74 12.46
C CYS C 83 22.80 -16.14 13.89
N GLU C 84 22.73 -15.21 14.83
CA GLU C 84 23.17 -15.46 16.20
C GLU C 84 22.04 -15.34 17.20
N VAL C 85 21.28 -14.25 17.16
CA VAL C 85 20.23 -14.05 18.17
C VAL C 85 19.10 -15.05 17.99
N LEU C 86 18.70 -15.30 16.75
CA LEU C 86 17.62 -16.25 16.49
C LEU C 86 18.01 -17.70 16.78
N ASN C 87 19.30 -17.98 16.96
CA ASN C 87 19.77 -19.30 17.37
C ASN C 87 20.05 -19.39 18.85
N HIS C 88 19.62 -18.40 19.64
CA HIS C 88 19.94 -18.35 21.06
C HIS C 88 19.43 -19.60 21.77
N PRO C 89 20.30 -20.37 22.43
CA PRO C 89 19.84 -21.63 23.03
C PRO C 89 18.82 -21.44 24.14
N TRP C 90 18.82 -20.28 24.81
CA TRP C 90 17.88 -20.07 25.90
C TRP C 90 16.45 -19.91 25.38
N MET C 91 16.27 -19.16 24.28
CA MET C 91 14.94 -19.03 23.72
C MET C 91 14.40 -20.37 23.24
N HIS C 92 15.23 -21.14 22.55
CA HIS C 92 14.79 -22.43 22.03
C HIS C 92 14.56 -23.43 23.15
N ALA C 93 15.33 -23.34 24.24
CA ALA C 93 15.09 -24.23 25.38
C ALA C 93 13.74 -23.93 26.01
N ILE C 94 13.37 -22.65 26.10
CA ILE C 94 12.08 -22.29 26.69
C ILE C 94 10.94 -22.58 25.72
N CYS C 95 11.12 -22.24 24.44
CA CYS C 95 10.07 -22.48 23.46
C CYS C 95 9.83 -23.96 23.24
N GLU C 96 10.87 -24.79 23.33
CA GLU C 96 10.69 -26.23 23.19
C GLU C 96 9.82 -26.79 24.31
N ARG C 97 10.00 -26.29 25.53
CA ARG C 97 9.28 -26.83 26.68
C ARG C 97 7.90 -26.22 26.85
N MET C 98 7.64 -25.05 26.28
CA MET C 98 6.35 -24.41 26.43
C MET C 98 5.39 -24.76 25.32
N PHE C 99 5.89 -24.92 24.09
CA PHE C 99 5.05 -25.24 22.94
C PHE C 99 5.15 -26.69 22.49
N GLY C 100 6.26 -27.36 22.79
CA GLY C 100 6.54 -28.68 22.28
C GLY C 100 5.48 -29.73 22.56
N PRO C 101 5.25 -30.04 23.85
CA PRO C 101 4.30 -31.13 24.17
C PRO C 101 2.90 -30.92 23.64
N THR C 102 2.45 -29.68 23.52
CA THR C 102 1.09 -29.40 23.09
C THR C 102 1.00 -29.12 21.59
N TYR C 103 1.94 -28.35 21.05
CA TYR C 103 1.87 -27.90 19.66
C TYR C 103 2.90 -28.53 18.74
N GLY C 104 3.97 -29.09 19.29
CA GLY C 104 5.04 -29.61 18.45
C GLY C 104 6.03 -28.54 18.06
N ASP C 105 5.95 -28.08 16.81
CA ASP C 105 6.88 -27.07 16.32
C ASP C 105 6.43 -25.67 16.71
N TYR C 106 7.39 -24.75 16.69
CA TYR C 106 7.14 -23.34 16.87
C TYR C 106 7.98 -22.59 15.84
N TRP C 107 7.67 -21.31 15.64
CA TRP C 107 8.45 -20.48 14.73
C TRP C 107 8.36 -19.02 15.15
N PHE C 108 9.11 -18.18 14.44
CA PHE C 108 9.25 -16.78 14.78
C PHE C 108 7.93 -16.05 14.57
N ASN C 109 7.49 -15.32 15.60
CA ASN C 109 6.27 -14.54 15.51
C ASN C 109 6.54 -13.13 14.99
N GLY C 110 7.48 -12.43 15.60
CA GLY C 110 7.81 -11.08 15.18
C GLY C 110 8.89 -10.50 16.07
N GLY C 111 9.61 -9.52 15.51
CA GLY C 111 10.67 -8.86 16.24
C GLY C 111 10.75 -7.38 15.94
N SER C 112 10.87 -6.55 16.98
CA SER C 112 10.85 -5.11 16.83
C SER C 112 11.97 -4.47 17.64
N ILE C 113 12.38 -3.29 17.21
CA ILE C 113 13.35 -2.48 17.92
C ILE C 113 12.58 -1.59 18.88
N LEU C 114 12.91 -1.65 20.16
CA LEU C 114 12.17 -0.95 21.21
C LEU C 114 12.97 0.27 21.64
N HIS C 115 12.57 1.44 21.14
CA HIS C 115 13.22 2.70 21.45
C HIS C 115 12.19 3.67 21.98
N LEU C 116 12.22 3.94 23.29
CA LEU C 116 11.41 5.00 23.88
C LEU C 116 12.22 6.28 23.84
N GLU C 117 11.75 7.24 23.04
CA GLU C 117 12.40 8.54 22.98
C GLU C 117 12.16 9.29 24.29
N PRO C 118 13.03 10.25 24.63
CA PRO C 118 12.79 11.07 25.82
C PRO C 118 11.44 11.77 25.73
N GLY C 119 10.64 11.63 26.79
CA GLY C 119 9.36 12.29 26.88
C GLY C 119 8.15 11.42 26.62
N GLU C 120 8.36 10.19 26.16
CA GLU C 120 7.23 9.31 25.87
C GLU C 120 6.49 8.95 27.15
N ASN C 121 5.16 8.97 27.08
CA ASN C 121 4.34 8.67 28.23
C ASN C 121 4.31 7.17 28.50
N THR C 122 3.52 6.76 29.49
CA THR C 122 3.44 5.36 29.88
C THR C 122 2.59 4.58 28.88
N GLN C 123 3.13 3.48 28.39
CA GLN C 123 2.38 2.61 27.49
C GLN C 123 1.26 1.92 28.26
N PRO C 124 0.10 1.71 27.64
CA PRO C 124 -1.00 1.02 28.33
C PRO C 124 -0.60 -0.38 28.79
N ILE C 125 -1.12 -0.77 29.96
CA ILE C 125 -0.88 -2.11 30.47
C ILE C 125 -1.71 -3.11 29.66
N HIS C 126 -1.05 -4.17 29.19
CA HIS C 126 -1.70 -5.07 28.24
C HIS C 126 -1.08 -6.46 28.33
N GLN C 127 -1.76 -7.42 27.72
CA GLN C 127 -1.22 -8.75 27.47
C GLN C 127 -0.86 -8.87 25.99
N ASP C 128 0.23 -9.58 25.70
CA ASP C 128 0.71 -9.67 24.33
C ASP C 128 -0.17 -10.55 23.45
N HIS C 129 -0.92 -11.49 24.03
CA HIS C 129 -1.79 -12.37 23.26
C HIS C 129 -3.17 -11.78 23.04
N VAL C 130 -3.33 -10.47 23.19
CA VAL C 130 -4.64 -9.85 23.08
C VAL C 130 -5.14 -9.85 21.63
N PHE C 131 -4.25 -9.97 20.66
CA PHE C 131 -4.65 -9.97 19.26
C PHE C 131 -4.92 -11.36 18.70
N TYR C 132 -4.79 -12.40 19.52
CA TYR C 132 -5.27 -13.73 19.16
C TYR C 132 -6.72 -13.84 19.58
N GLN C 133 -7.62 -14.01 18.60
CA GLN C 133 -9.03 -14.22 18.93
C GLN C 133 -9.22 -15.45 19.81
N ILE C 134 -8.33 -16.42 19.69
CA ILE C 134 -8.44 -17.69 20.40
C ILE C 134 -7.98 -17.54 21.83
N SER C 135 -7.50 -16.34 22.21
CA SER C 135 -7.13 -16.10 23.59
C SER C 135 -8.34 -16.13 24.52
N LYS C 136 -9.54 -15.92 23.98
CA LYS C 136 -10.76 -15.97 24.76
C LYS C 136 -11.30 -17.39 24.94
N TRP C 137 -10.66 -18.39 24.34
CA TRP C 137 -10.95 -19.78 24.65
C TRP C 137 -9.91 -20.43 25.55
N ARG C 138 -8.75 -19.80 25.69
CA ARG C 138 -7.65 -20.37 26.46
C ARG C 138 -7.89 -20.19 27.95
N ARG C 139 -7.50 -21.21 28.73
CA ARG C 139 -7.52 -21.19 30.18
C ARG C 139 -6.15 -20.76 30.72
N PRO C 140 -6.11 -20.13 31.89
CA PRO C 140 -4.83 -19.67 32.43
C PRO C 140 -3.82 -20.78 32.66
N THR C 141 -4.27 -22.02 32.85
CA THR C 141 -3.37 -23.15 33.02
C THR C 141 -2.91 -23.75 31.69
N ASP C 142 -3.55 -23.40 30.59
CA ASP C 142 -3.12 -23.85 29.28
C ASP C 142 -1.78 -23.23 28.92
N PRO C 143 -1.04 -23.83 27.98
CA PRO C 143 0.21 -23.21 27.53
C PRO C 143 -0.05 -21.88 26.85
N ASP C 144 0.94 -20.99 26.91
CA ASP C 144 0.80 -19.66 26.35
C ASP C 144 0.72 -19.71 24.83
N LEU C 145 0.07 -18.70 24.26
CA LEU C 145 -0.04 -18.60 22.80
C LEU C 145 1.19 -17.96 22.18
N THR C 146 2.01 -17.26 22.95
CA THR C 146 3.22 -16.63 22.44
C THR C 146 4.10 -16.25 23.62
N ILE C 147 5.39 -16.07 23.33
CA ILE C 147 6.35 -15.67 24.34
C ILE C 147 7.30 -14.65 23.72
N ASN C 148 7.58 -13.59 24.46
CA ASN C 148 8.44 -12.50 24.02
C ASN C 148 9.73 -12.50 24.83
N PHE C 149 10.85 -12.22 24.16
CA PHE C 149 12.14 -12.05 24.81
C PHE C 149 12.59 -10.62 24.53
N THR C 150 12.61 -9.78 25.56
CA THR C 150 12.97 -8.37 25.43
C THR C 150 14.39 -8.17 25.93
N MET C 151 15.32 -7.93 25.02
CA MET C 151 16.72 -7.72 25.35
C MET C 151 17.02 -6.23 25.41
N ALA C 152 17.76 -5.81 26.44
CA ALA C 152 18.05 -4.40 26.68
C ALA C 152 19.42 -4.05 26.11
N LEU C 153 19.46 -3.01 25.28
CA LEU C 153 20.73 -2.46 24.79
C LEU C 153 21.26 -1.41 25.75
N THR C 154 20.46 -0.39 26.02
CA THR C 154 20.77 0.52 27.11
C THR C 154 20.28 -0.07 28.43
N GLU C 155 20.68 0.55 29.52
CA GLU C 155 20.18 0.16 30.83
C GLU C 155 18.67 0.37 30.91
N PHE C 156 18.00 -0.51 31.64
CA PHE C 156 16.57 -0.37 31.91
C PHE C 156 16.41 0.14 33.34
N THR C 157 15.95 1.37 33.48
CA THR C 157 15.78 2.00 34.78
C THR C 157 14.32 2.42 34.96
N VAL C 158 14.00 2.83 36.18
CA VAL C 158 12.68 3.36 36.47
C VAL C 158 12.42 4.63 35.67
N GLU C 159 13.44 5.50 35.59
CA GLU C 159 13.25 6.83 35.02
C GLU C 159 13.19 6.80 33.50
N ASN C 160 13.98 5.95 32.86
CA ASN C 160 14.00 5.90 31.39
C ASN C 160 12.88 5.03 30.82
N GLY C 161 11.92 4.62 31.64
CA GLY C 161 10.76 3.90 31.15
C GLY C 161 10.93 2.42 30.97
N GLY C 162 11.75 1.78 31.79
CA GLY C 162 11.91 0.34 31.68
C GLY C 162 10.60 -0.40 31.87
N THR C 163 10.48 -1.55 31.21
CA THR C 163 9.27 -2.34 31.27
C THR C 163 8.90 -2.69 32.71
N ARG C 164 7.61 -2.64 33.00
CA ARG C 164 7.09 -3.04 34.29
C ARG C 164 6.22 -4.28 34.13
N VAL C 165 6.23 -5.15 35.15
CA VAL C 165 5.50 -6.41 35.10
C VAL C 165 4.68 -6.55 36.37
N CYS C 166 3.64 -7.38 36.29
CA CYS C 166 2.78 -7.72 37.43
C CYS C 166 2.88 -9.22 37.64
N PRO C 167 3.84 -9.69 38.43
CA PRO C 167 4.00 -11.14 38.64
C PRO C 167 2.73 -11.76 39.21
N GLY C 168 2.43 -12.97 38.75
CA GLY C 168 1.23 -13.67 39.15
C GLY C 168 -0.01 -13.34 38.34
N SER C 169 0.02 -12.25 37.57
CA SER C 169 -1.15 -11.87 36.78
C SER C 169 -1.38 -12.78 35.58
N HIS C 170 -0.43 -13.67 35.26
CA HIS C 170 -0.63 -14.61 34.16
C HIS C 170 -1.62 -15.71 34.54
N LEU C 171 -1.85 -15.93 35.83
CA LEU C 171 -2.82 -16.91 36.29
C LEU C 171 -4.23 -16.35 36.39
N TRP C 172 -4.40 -15.05 36.14
CA TRP C 172 -5.71 -14.42 36.24
C TRP C 172 -6.67 -14.98 35.21
N GLU C 173 -7.95 -15.00 35.56
CA GLU C 173 -8.98 -15.44 34.63
C GLU C 173 -9.12 -14.46 33.47
N ASN C 174 -9.63 -14.97 32.35
CA ASN C 174 -9.85 -14.13 31.18
C ASN C 174 -11.00 -13.17 31.44
N GLY C 175 -10.79 -11.90 31.12
CA GLY C 175 -11.73 -10.85 31.46
C GLY C 175 -11.38 -10.09 32.73
N HIS C 176 -10.39 -10.56 33.48
CA HIS C 176 -9.95 -9.87 34.67
C HIS C 176 -9.44 -8.48 34.32
N ALA C 177 -9.66 -7.53 35.23
CA ALA C 177 -9.23 -6.16 35.00
C ALA C 177 -7.72 -6.05 34.94
N SER C 178 -7.25 -5.01 34.25
CA SER C 178 -5.82 -4.74 34.19
C SER C 178 -5.28 -4.44 35.58
N PRO C 179 -4.03 -4.82 35.86
CA PRO C 179 -3.46 -4.54 37.19
C PRO C 179 -3.34 -3.05 37.43
N ALA C 180 -3.48 -2.67 38.70
CA ALA C 180 -3.36 -1.27 39.08
C ALA C 180 -1.94 -0.78 38.82
N GLU C 181 -1.84 0.51 38.46
CA GLU C 181 -0.52 1.08 38.18
C GLU C 181 0.37 1.09 39.42
N GLU C 182 -0.22 1.18 40.60
CA GLU C 182 0.56 1.17 41.83
C GLU C 182 1.17 -0.19 42.13
N ASP C 183 0.67 -1.26 41.50
CA ASP C 183 1.15 -2.61 41.74
C ASP C 183 2.02 -3.13 40.59
N MET C 184 2.48 -2.26 39.70
CA MET C 184 3.37 -2.66 38.62
C MET C 184 4.81 -2.64 39.13
N VAL C 185 5.57 -3.66 38.78
CA VAL C 185 6.92 -3.86 39.29
C VAL C 185 7.91 -3.51 38.19
N PRO C 186 8.75 -2.49 38.36
CA PRO C 186 9.69 -2.13 37.28
C PRO C 186 10.81 -3.13 37.15
N VAL C 187 11.19 -3.40 35.91
CA VAL C 187 12.28 -4.31 35.58
C VAL C 187 13.55 -3.50 35.37
N LEU C 188 14.55 -3.75 36.21
CA LEU C 188 15.82 -3.02 36.16
C LEU C 188 16.88 -3.93 35.55
N MET C 189 17.26 -3.63 34.32
CA MET C 189 18.15 -4.49 33.54
C MET C 189 19.39 -3.73 33.10
N GLN C 190 20.52 -4.43 33.07
CA GLN C 190 21.77 -3.95 32.51
C GLN C 190 21.88 -4.36 31.06
N PRO C 191 22.78 -3.74 30.30
CA PRO C 191 22.95 -4.13 28.88
C PRO C 191 23.30 -5.60 28.76
N GLY C 192 22.44 -6.35 28.06
CA GLY C 192 22.62 -7.76 27.80
C GLY C 192 21.58 -8.65 28.47
N ASP C 193 20.98 -8.18 29.56
CA ASP C 193 19.92 -8.94 30.21
C ASP C 193 18.69 -9.01 29.29
N ALA C 194 17.77 -9.91 29.63
CA ALA C 194 16.56 -10.08 28.85
C ALA C 194 15.38 -10.36 29.76
N LEU C 195 14.27 -9.67 29.50
CA LEU C 195 13.02 -9.90 30.22
C LEU C 195 12.17 -10.90 29.44
N ILE C 196 11.73 -11.95 30.12
CA ILE C 196 10.95 -13.02 29.52
C ILE C 196 9.47 -12.72 29.74
N LEU C 197 8.74 -12.52 28.64
CA LEU C 197 7.34 -12.11 28.68
C LEU C 197 6.46 -13.09 27.92
N PRO C 198 5.88 -14.07 28.61
CA PRO C 198 4.84 -14.89 27.97
C PRO C 198 3.63 -14.04 27.60
N GLY C 199 2.82 -14.57 26.69
CA GLY C 199 1.70 -13.81 26.15
C GLY C 199 0.65 -13.44 27.18
N SER C 200 0.59 -14.13 28.30
CA SER C 200 -0.41 -13.88 29.33
C SER C 200 0.06 -12.94 30.42
N MET C 201 1.31 -12.48 30.38
CA MET C 201 1.84 -11.59 31.39
C MET C 201 1.40 -10.15 31.14
N TRP C 202 0.78 -9.54 32.14
CA TRP C 202 0.42 -8.13 32.05
C TRP C 202 1.67 -7.28 32.21
N HIS C 203 1.91 -6.39 31.25
CA HIS C 203 3.12 -5.58 31.24
C HIS C 203 2.85 -4.29 30.50
N SER C 204 3.82 -3.36 30.59
CA SER C 204 3.75 -2.09 29.90
C SER C 204 5.09 -1.40 30.01
N ALA C 205 5.48 -0.68 28.95
CA ALA C 205 6.67 0.15 28.98
C ALA C 205 6.39 1.42 29.76
N GLY C 206 7.37 1.86 30.54
CA GLY C 206 7.21 3.02 31.38
C GLY C 206 7.42 4.33 30.63
N ALA C 207 7.32 5.42 31.37
CA ALA C 207 7.52 6.75 30.83
C ALA C 207 9.01 7.11 30.89
N ASN C 208 9.56 7.48 29.74
CA ASN C 208 10.97 7.89 29.66
C ASN C 208 11.07 9.35 30.08
N ARG C 209 11.44 9.58 31.33
CA ARG C 209 11.59 10.93 31.87
C ARG C 209 13.06 11.36 31.96
N THR C 210 13.93 10.72 31.19
CA THR C 210 15.35 11.08 31.12
C THR C 210 15.63 11.75 29.77
N SER C 211 16.87 12.19 29.61
CA SER C 211 17.30 12.89 28.41
C SER C 211 17.80 11.96 27.32
N GLU C 212 17.81 10.66 27.55
CA GLU C 212 18.39 9.71 26.61
C GLU C 212 17.40 8.61 26.27
N TYR C 213 17.62 7.99 25.12
CA TYR C 213 16.76 6.91 24.64
C TYR C 213 16.86 5.69 25.55
N ARG C 214 15.79 4.89 25.58
CA ARG C 214 15.82 3.56 26.16
C ARG C 214 15.87 2.57 25.00
N ARG C 215 17.02 1.92 24.82
CA ARG C 215 17.29 1.10 23.65
C ARG C 215 17.19 -0.38 23.98
N GLY C 216 16.84 -1.17 22.97
CA GLY C 216 16.67 -2.60 23.10
C GLY C 216 15.85 -3.13 21.96
N PHE C 217 15.79 -4.45 21.88
CA PHE C 217 14.96 -5.09 20.87
C PHE C 217 14.35 -6.36 21.45
N ALA C 218 13.48 -6.99 20.66
CA ALA C 218 12.74 -8.15 21.12
C ALA C 218 12.64 -9.18 20.01
N THR C 219 12.57 -10.44 20.42
CA THR C 219 12.15 -11.55 19.57
C THR C 219 10.92 -12.19 20.19
N SER C 220 10.16 -12.91 19.37
CA SER C 220 8.97 -13.57 19.88
C SER C 220 8.67 -14.80 19.02
N PHE C 221 8.16 -15.83 19.68
CA PHE C 221 7.85 -17.11 19.04
C PHE C 221 6.47 -17.56 19.48
N HIS C 222 5.85 -18.41 18.65
CA HIS C 222 4.52 -18.91 18.94
C HIS C 222 4.35 -20.25 18.22
N PRO C 223 3.32 -21.02 18.57
CA PRO C 223 3.13 -22.33 17.93
C PRO C 223 3.08 -22.25 16.40
N CYS C 224 3.54 -23.33 15.77
CA CYS C 224 3.67 -23.35 14.31
C CYS C 224 2.32 -23.25 13.60
N HIS C 225 1.24 -23.62 14.25
CA HIS C 225 -0.08 -23.56 13.62
C HIS C 225 -0.68 -22.15 13.63
N PHE C 226 0.02 -21.17 14.17
CA PHE C 226 -0.45 -19.79 14.20
C PHE C 226 0.35 -18.95 13.21
N THR C 227 -0.34 -18.05 12.52
CA THR C 227 0.30 -17.22 11.50
C THR C 227 1.14 -16.13 12.17
N PRO C 228 2.41 -16.00 11.81
CA PRO C 228 3.27 -15.01 12.46
C PRO C 228 2.86 -13.58 12.11
N ILE C 229 3.27 -12.65 12.98
CA ILE C 229 3.07 -11.23 12.71
C ILE C 229 3.83 -10.83 11.45
N GLU C 230 5.06 -11.31 11.31
CA GLU C 230 5.95 -10.92 10.22
C GLU C 230 6.15 -12.07 9.26
N SER C 231 6.15 -11.75 7.97
CA SER C 231 6.58 -12.67 6.93
C SER C 231 7.98 -12.29 6.46
N HIS C 232 8.81 -13.29 6.18
CA HIS C 232 10.16 -13.08 5.67
C HIS C 232 10.31 -13.58 4.24
N HIS C 233 9.20 -13.69 3.50
CA HIS C 233 9.23 -14.17 2.13
C HIS C 233 10.02 -13.25 1.20
N HIS C 234 10.16 -11.97 1.55
CA HIS C 234 10.87 -11.02 0.71
C HIS C 234 12.39 -11.06 0.90
N LEU C 235 12.88 -11.92 1.78
CA LEU C 235 14.31 -11.93 2.08
C LEU C 235 15.10 -12.52 0.91
N PRO C 236 16.32 -12.02 0.67
CA PRO C 236 17.12 -12.54 -0.44
C PRO C 236 17.47 -14.00 -0.25
N ARG C 237 17.61 -14.70 -1.38
CA ARG C 237 17.87 -16.14 -1.33
C ARG C 237 19.23 -16.45 -0.68
N GLU C 238 20.22 -15.60 -0.88
CA GLU C 238 21.53 -15.82 -0.26
C GLU C 238 21.43 -15.80 1.25
N MET C 239 20.56 -14.94 1.79
CA MET C 239 20.42 -14.83 3.24
C MET C 239 19.75 -16.08 3.81
N VAL C 240 18.76 -16.61 3.11
CA VAL C 240 18.08 -17.82 3.57
C VAL C 240 19.04 -19.00 3.60
N GLU C 241 19.90 -19.10 2.58
CA GLU C 241 20.81 -20.24 2.50
C GLU C 241 21.86 -20.22 3.59
N GLU C 242 22.29 -19.03 4.03
CA GLU C 242 23.29 -18.95 5.09
C GLU C 242 22.70 -19.15 6.48
N MET C 243 21.38 -19.07 6.61
CA MET C 243 20.74 -19.34 7.90
C MET C 243 20.95 -20.79 8.31
N THR C 244 20.96 -21.03 9.61
CA THR C 244 20.94 -22.39 10.12
C THR C 244 19.59 -23.03 9.80
N PRO C 245 19.53 -24.36 9.73
CA PRO C 245 18.24 -25.01 9.52
C PRO C 245 17.19 -24.65 10.57
N LEU C 246 17.62 -24.41 11.81
CA LEU C 246 16.69 -23.99 12.85
C LEU C 246 16.10 -22.62 12.54
N VAL C 247 16.95 -21.67 12.12
CA VAL C 247 16.47 -20.33 11.80
C VAL C 247 15.64 -20.34 10.53
N GLN C 248 16.01 -21.17 9.55
CA GLN C 248 15.20 -21.32 8.34
C GLN C 248 13.77 -21.71 8.69
N LYS C 249 13.61 -22.69 9.58
CA LYS C 249 12.28 -23.05 10.06
C LYS C 249 11.66 -21.92 10.88
N MET C 250 12.49 -21.21 11.66
CA MET C 250 12.00 -20.11 12.46
C MET C 250 11.33 -19.05 11.60
N LEU C 251 11.94 -18.71 10.47
CA LEU C 251 11.49 -17.60 9.63
C LEU C 251 10.57 -18.03 8.50
N GLY C 252 10.02 -19.25 8.56
CA GLY C 252 8.99 -19.65 7.62
C GLY C 252 9.47 -20.21 6.29
N PHE C 253 10.69 -20.75 6.23
CA PHE C 253 11.22 -21.32 5.01
C PHE C 253 11.20 -22.84 5.02
N ARG C 254 10.64 -23.46 6.05
CA ARG C 254 10.64 -24.91 6.18
C ARG C 254 9.29 -25.40 6.66
N THR C 255 8.96 -26.62 6.25
CA THR C 255 7.71 -27.26 6.68
C THR C 255 7.75 -27.49 8.19
N LEU C 256 6.60 -27.31 8.83
CA LEU C 256 6.48 -27.44 10.28
C LEU C 256 5.72 -28.70 10.64
N ASN C 257 6.08 -29.28 11.77
CA ASN C 257 5.48 -30.52 12.25
C ASN C 257 4.60 -30.23 13.46
N LEU C 258 3.34 -30.66 13.38
CA LEU C 258 2.42 -30.49 14.49
C LEU C 258 2.68 -31.54 15.57
N HIS C 259 1.96 -31.42 16.68
CA HIS C 259 2.07 -32.40 17.75
C HIS C 259 1.60 -33.78 17.31
N ASN C 260 0.63 -33.84 16.40
CA ASN C 260 0.11 -35.09 15.87
C ASN C 260 0.85 -35.56 14.63
N ASN C 261 2.03 -34.99 14.37
CA ASN C 261 2.92 -35.32 13.26
C ASN C 261 2.34 -34.95 11.90
N VAL C 262 1.13 -34.42 11.83
CA VAL C 262 0.64 -33.83 10.60
C VAL C 262 1.47 -32.58 10.30
N LYS C 263 1.87 -32.43 9.04
CA LYS C 263 2.72 -31.32 8.64
C LYS C 263 1.87 -30.16 8.11
N VAL C 264 2.25 -28.95 8.49
CA VAL C 264 1.67 -27.74 7.92
C VAL C 264 2.77 -27.02 7.15
N TRP C 265 2.37 -26.04 6.34
CA TRP C 265 3.30 -25.22 5.56
C TRP C 265 4.11 -26.08 4.60
N LYS C 266 3.46 -27.07 4.00
CA LYS C 266 4.10 -27.98 3.07
C LYS C 266 4.05 -27.42 1.65
N ALA C 267 4.90 -27.99 0.79
CA ALA C 267 4.84 -27.77 -0.65
C ALA C 267 4.13 -28.97 -1.24
N GLY C 268 2.82 -28.84 -1.43
CA GLY C 268 2.01 -29.98 -1.79
C GLY C 268 1.95 -30.97 -0.64
N GLU C 269 2.42 -32.19 -0.88
CA GLU C 269 2.53 -33.19 0.18
C GLU C 269 3.96 -33.34 0.70
N GLY C 270 4.93 -32.69 0.08
CA GLY C 270 6.31 -32.74 0.51
C GLY C 270 6.71 -31.50 1.31
N ASN C 271 8.00 -31.44 1.61
CA ASN C 271 8.53 -30.36 2.44
C ASN C 271 8.85 -29.14 1.58
N LEU C 272 8.65 -27.95 2.17
CA LEU C 272 8.88 -26.71 1.44
C LEU C 272 10.36 -26.54 1.10
N GLU C 273 11.24 -26.89 2.03
CA GLU C 273 12.66 -26.72 1.80
C GLU C 273 13.17 -27.60 0.67
N ASP C 274 12.49 -28.71 0.38
CA ASP C 274 12.89 -29.56 -0.74
C ASP C 274 12.45 -28.98 -2.08
N ALA C 275 11.26 -28.38 -2.12
CA ALA C 275 10.76 -27.82 -3.38
C ALA C 275 11.55 -26.58 -3.78
N THR C 276 11.92 -25.74 -2.80
CA THR C 276 12.69 -24.53 -3.08
C THR C 276 14.19 -24.79 -3.17
N GLY C 277 14.63 -26.04 -3.05
CA GLY C 277 16.04 -26.36 -3.20
C GLY C 277 16.91 -25.91 -2.05
N LEU C 278 16.36 -25.77 -0.86
CA LEU C 278 17.13 -25.33 0.30
C LEU C 278 18.03 -26.46 0.82
N GLN D 3 5.80 31.05 19.73
CA GLN D 3 6.39 29.71 19.76
C GLN D 3 7.39 29.52 18.62
N LEU D 4 8.16 30.57 18.32
CA LEU D 4 9.16 30.52 17.24
C LEU D 4 10.45 29.93 17.78
N HIS D 5 10.93 28.87 17.14
CA HIS D 5 12.14 28.17 17.55
C HIS D 5 13.29 28.54 16.62
N TYR D 6 14.47 28.74 17.21
CA TYR D 6 15.71 28.93 16.48
C TYR D 6 16.62 27.75 16.79
N VAL D 7 16.86 26.90 15.79
CA VAL D 7 17.62 25.67 16.02
C VAL D 7 18.91 25.69 15.21
N PRO D 8 19.96 25.02 15.68
CA PRO D 8 21.21 24.96 14.92
C PRO D 8 21.12 23.93 13.80
N TYR D 9 22.17 23.92 12.96
CA TYR D 9 22.16 23.10 11.75
C TYR D 9 22.11 21.61 12.08
N ASP D 10 22.78 21.20 13.16
CA ASP D 10 22.87 19.79 13.51
C ASP D 10 21.69 19.29 14.33
N THR D 11 20.58 20.02 14.32
CA THR D 11 19.38 19.55 15.00
C THR D 11 18.91 18.24 14.34
N PRO D 12 18.55 17.23 15.14
CA PRO D 12 18.01 15.99 14.55
C PRO D 12 16.80 16.28 13.67
N VAL D 13 16.67 15.48 12.60
CA VAL D 13 15.58 15.68 11.65
C VAL D 13 14.24 15.55 12.35
N GLU D 14 14.12 14.59 13.28
CA GLU D 14 12.84 14.37 13.95
C GLU D 14 12.46 15.56 14.83
N ASP D 15 13.45 16.18 15.48
CA ASP D 15 13.17 17.38 16.26
C ASP D 15 12.64 18.51 15.40
N VAL D 16 13.09 18.58 14.14
CA VAL D 16 12.61 19.63 13.25
C VAL D 16 11.18 19.36 12.81
N MET D 17 10.83 18.09 12.59
CA MET D 17 9.49 17.79 12.12
C MET D 17 8.46 17.89 13.23
N ARG D 18 8.86 17.63 14.48
CA ARG D 18 7.91 17.80 15.58
C ARG D 18 7.68 19.27 15.89
N ILE D 19 8.68 20.12 15.68
CA ILE D 19 8.48 21.55 15.84
C ILE D 19 7.59 22.08 14.72
N LEU D 20 7.77 21.57 13.50
CA LEU D 20 6.91 21.99 12.39
C LEU D 20 5.46 21.61 12.66
N LYS D 21 5.22 20.42 13.19
CA LYS D 21 3.85 20.01 13.49
C LYS D 21 3.26 20.85 14.63
N GLU D 22 4.07 21.14 15.65
CA GLU D 22 3.55 21.85 16.82
C GLU D 22 3.44 23.35 16.56
N SER D 23 4.49 23.96 16.03
CA SER D 23 4.55 25.42 15.89
C SER D 23 4.27 25.92 14.48
N GLY D 24 4.46 25.08 13.45
CA GLY D 24 4.13 25.45 12.10
C GLY D 24 5.20 26.19 11.33
N THR D 25 6.38 26.40 11.93
CA THR D 25 7.49 27.12 11.32
C THR D 25 8.66 27.08 12.30
N LEU D 26 9.85 27.35 11.78
CA LEU D 26 11.06 27.52 12.58
C LEU D 26 12.18 28.00 11.66
N VAL D 27 13.32 28.30 12.26
CA VAL D 27 14.49 28.80 11.55
C VAL D 27 15.66 27.87 11.83
N ILE D 28 16.39 27.50 10.78
CA ILE D 28 17.59 26.69 10.89
C ILE D 28 18.78 27.64 10.71
N ARG D 29 19.55 27.83 11.77
CA ARG D 29 20.70 28.73 11.71
C ARG D 29 21.82 28.11 10.91
N ASN D 30 22.51 28.94 10.13
CA ASN D 30 23.62 28.51 9.27
C ASN D 30 23.16 27.42 8.30
N PHE D 31 21.92 27.55 7.82
CA PHE D 31 21.39 26.65 6.80
C PHE D 31 22.31 26.59 5.60
N LEU D 32 22.80 27.74 5.14
CA LEU D 32 23.82 27.82 4.11
C LEU D 32 24.97 28.66 4.63
N ASP D 33 26.15 28.45 4.07
CA ASP D 33 27.27 29.32 4.40
C ASP D 33 27.08 30.66 3.70
N GLN D 34 27.78 31.68 4.22
CA GLN D 34 27.64 33.02 3.68
C GLN D 34 28.11 33.12 2.24
N ASN D 35 29.10 32.30 1.86
CA ASN D 35 29.66 32.42 0.52
C ASN D 35 28.75 31.81 -0.53
N THR D 36 27.91 30.85 -0.15
CA THR D 36 27.01 30.24 -1.12
C THR D 36 25.87 31.18 -1.50
N VAL D 37 25.24 31.81 -0.49
CA VAL D 37 24.15 32.74 -0.78
C VAL D 37 24.68 33.95 -1.54
N GLN D 38 25.91 34.39 -1.25
CA GLN D 38 26.51 35.46 -2.03
C GLN D 38 26.74 35.04 -3.47
N LYS D 39 27.11 33.77 -3.69
CA LYS D 39 27.28 33.27 -5.04
C LYS D 39 25.98 33.36 -5.84
N VAL D 40 24.85 33.05 -5.20
CA VAL D 40 23.56 33.11 -5.88
C VAL D 40 23.27 34.54 -6.34
N GLN D 41 23.50 35.50 -5.45
CA GLN D 41 23.28 36.90 -5.83
C GLN D 41 24.25 37.33 -6.93
N ASP D 42 25.52 36.96 -6.81
CA ASP D 42 26.50 37.32 -7.83
C ASP D 42 26.12 36.75 -9.19
N GLU D 43 25.68 35.49 -9.23
CA GLU D 43 25.32 34.87 -10.49
C GLU D 43 24.06 35.51 -11.08
N VAL D 44 23.10 35.87 -10.23
CA VAL D 44 21.89 36.54 -10.70
C VAL D 44 22.23 37.91 -11.28
N ASP D 45 23.11 38.64 -10.61
CA ASP D 45 23.56 39.92 -11.14
C ASP D 45 24.25 39.75 -12.49
N ASP D 46 25.03 38.67 -12.64
CA ASP D 46 25.73 38.41 -13.89
C ASP D 46 24.78 38.01 -15.01
N TYR D 47 23.59 37.52 -14.69
CA TYR D 47 22.61 37.17 -15.71
C TYR D 47 21.79 38.38 -16.15
N VAL D 48 21.30 39.16 -15.19
CA VAL D 48 20.43 40.29 -15.55
C VAL D 48 21.25 41.42 -16.16
N ARG D 49 22.41 41.73 -15.59
CA ARG D 49 23.33 42.75 -16.12
C ARG D 49 22.64 44.11 -16.21
N ASN D 50 22.05 44.54 -15.11
CA ASN D 50 21.49 45.88 -15.04
C ASN D 50 22.60 46.90 -15.19
N TRP D 51 22.36 47.92 -16.02
CA TRP D 51 23.31 49.02 -16.11
C TRP D 51 23.33 49.79 -14.80
N ASN D 52 24.53 50.01 -14.28
CA ASN D 52 24.69 50.81 -13.08
C ASN D 52 25.75 51.87 -13.34
N PRO D 53 25.43 53.14 -13.12
CA PRO D 53 26.32 54.22 -13.55
C PRO D 53 27.65 54.19 -12.83
N GLY D 54 28.68 54.69 -13.51
CA GLY D 54 30.00 54.83 -12.93
C GLY D 54 30.09 56.08 -12.07
N PRO D 55 31.31 56.45 -11.69
CA PRO D 55 31.47 57.61 -10.80
C PRO D 55 30.99 58.92 -11.41
N LYS D 56 31.31 59.15 -12.68
CA LYS D 56 30.91 60.37 -13.37
C LYS D 56 30.33 60.01 -14.74
N TYR D 57 29.77 61.01 -15.41
CA TYR D 57 29.22 60.81 -16.73
C TYR D 57 30.33 60.49 -17.73
N ASN D 58 30.16 59.42 -18.49
CA ASN D 58 31.11 59.02 -19.51
C ASN D 58 30.54 59.29 -20.90
N HIS D 59 31.44 59.63 -21.83
CA HIS D 59 31.05 59.95 -23.19
C HIS D 59 30.77 58.66 -23.95
N ASP D 60 29.61 58.08 -23.68
CA ASP D 60 29.19 56.82 -24.27
C ASP D 60 28.29 57.11 -25.47
N ILE D 61 28.83 56.91 -26.66
CA ILE D 61 28.08 57.14 -27.89
C ILE D 61 27.27 55.89 -28.25
N SER D 66 20.60 47.82 -23.58
CA SER D 66 20.39 46.81 -24.62
C SER D 66 20.96 45.45 -24.20
N LYS D 67 21.72 45.45 -23.10
CA LYS D 67 22.36 44.25 -22.60
C LYS D 67 21.68 43.67 -21.37
N THR D 68 20.67 44.36 -20.83
CA THR D 68 19.98 43.88 -19.64
C THR D 68 18.92 42.86 -20.02
N LYS D 69 18.92 41.72 -19.31
CA LYS D 69 17.94 40.67 -19.53
C LYS D 69 16.91 40.64 -18.41
N GLN D 70 15.69 40.29 -18.76
CA GLN D 70 14.66 40.10 -17.75
C GLN D 70 15.01 38.91 -16.87
N PRO D 71 14.68 38.96 -15.58
CA PRO D 71 14.97 37.82 -14.70
C PRO D 71 14.14 36.60 -15.09
N SER D 72 14.79 35.44 -15.09
CA SER D 72 14.15 34.16 -15.37
C SER D 72 14.18 33.31 -14.11
N ASN D 73 14.07 32.00 -14.29
CA ASN D 73 14.12 31.08 -13.15
C ASN D 73 15.47 31.17 -12.45
N LEU D 74 15.45 31.02 -11.13
CA LEU D 74 16.69 31.01 -10.36
C LEU D 74 17.61 29.87 -10.79
N SER D 75 17.03 28.73 -11.21
CA SER D 75 17.84 27.62 -11.68
C SER D 75 18.53 27.92 -13.00
N LEU D 76 17.98 28.84 -13.80
CA LEU D 76 18.61 29.24 -15.04
C LEU D 76 19.64 30.34 -14.83
N MET D 77 19.40 31.25 -13.89
CA MET D 77 20.29 32.40 -13.69
C MET D 77 21.51 32.03 -12.86
N SER D 78 21.39 31.10 -11.91
CA SER D 78 22.44 30.81 -10.95
C SER D 78 22.82 29.34 -11.03
N LYS D 79 24.09 29.08 -11.34
CA LYS D 79 24.59 27.70 -11.33
C LYS D 79 24.66 27.16 -9.90
N THR D 80 25.01 28.01 -8.93
CA THR D 80 25.03 27.57 -7.54
C THR D 80 23.64 27.15 -7.07
N TYR D 81 22.61 27.86 -7.52
CA TYR D 81 21.24 27.52 -7.14
C TYR D 81 20.86 26.12 -7.62
N ARG D 82 21.15 25.81 -8.88
CA ARG D 82 20.71 24.55 -9.46
C ARG D 82 21.67 23.39 -9.18
N CYS D 83 22.94 23.67 -8.88
CA CYS D 83 23.91 22.62 -8.61
C CYS D 83 24.16 22.39 -7.13
N GLU D 84 23.80 23.34 -6.27
CA GLU D 84 24.11 23.22 -4.85
C GLU D 84 22.86 23.39 -3.99
N VAL D 85 22.17 24.52 -4.15
CA VAL D 85 21.04 24.84 -3.28
C VAL D 85 19.92 23.81 -3.44
N LEU D 86 19.60 23.47 -4.69
CA LEU D 86 18.51 22.53 -4.93
C LEU D 86 18.84 21.12 -4.46
N ASN D 87 20.12 20.82 -4.22
CA ASN D 87 20.53 19.54 -3.66
C ASN D 87 20.69 19.58 -2.15
N HIS D 88 20.21 20.65 -1.50
CA HIS D 88 20.44 20.82 -0.06
C HIS D 88 19.83 19.66 0.72
N PRO D 89 20.61 19.01 1.59
CA PRO D 89 20.08 17.82 2.27
C PRO D 89 18.94 18.12 3.23
N TRP D 90 18.97 19.27 3.90
CA TRP D 90 17.88 19.61 4.81
C TRP D 90 16.56 19.79 4.07
N MET D 91 16.61 20.41 2.88
CA MET D 91 15.40 20.60 2.09
C MET D 91 14.77 19.25 1.74
N HIS D 92 15.57 18.31 1.28
CA HIS D 92 15.04 17.02 0.87
C HIS D 92 14.66 16.15 2.06
N ALA D 93 15.37 16.30 3.19
CA ALA D 93 15.01 15.56 4.39
C ALA D 93 13.62 15.94 4.87
N ILE D 94 13.34 17.25 4.94
CA ILE D 94 12.04 17.71 5.40
C ILE D 94 10.97 17.41 4.38
N CYS D 95 11.27 17.61 3.10
CA CYS D 95 10.28 17.38 2.05
C CYS D 95 9.91 15.91 1.94
N GLU D 96 10.87 15.01 2.15
CA GLU D 96 10.58 13.59 2.09
C GLU D 96 9.62 13.17 3.20
N ARG D 97 9.85 13.66 4.42
CA ARG D 97 8.97 13.29 5.53
C ARG D 97 7.61 13.94 5.42
N MET D 98 7.53 15.11 4.77
CA MET D 98 6.27 15.85 4.71
C MET D 98 5.35 15.33 3.60
N PHE D 99 5.91 15.00 2.43
CA PHE D 99 5.10 14.60 1.28
C PHE D 99 5.18 13.11 0.96
N GLY D 100 6.24 12.43 1.38
CA GLY D 100 6.48 11.05 1.03
C GLY D 100 5.34 10.10 1.35
N PRO D 101 5.06 9.91 2.65
CA PRO D 101 4.07 8.89 3.04
C PRO D 101 2.66 9.12 2.51
N THR D 102 2.37 10.29 1.95
CA THR D 102 1.05 10.60 1.42
C THR D 102 1.04 10.76 -0.09
N TYR D 103 1.95 11.57 -0.63
CA TYR D 103 1.98 11.88 -2.06
C TYR D 103 3.06 11.13 -2.83
N GLY D 104 4.03 10.53 -2.14
CA GLY D 104 5.13 9.90 -2.82
C GLY D 104 6.22 10.88 -3.19
N ASP D 105 6.35 11.17 -4.49
CA ASP D 105 7.37 12.09 -4.96
C ASP D 105 6.96 13.53 -4.74
N TYR D 106 7.95 14.41 -4.76
CA TYR D 106 7.75 15.85 -4.69
C TYR D 106 8.69 16.50 -5.69
N TRP D 107 8.43 17.77 -6.00
CA TRP D 107 9.33 18.49 -6.90
C TRP D 107 9.22 19.99 -6.67
N PHE D 108 10.13 20.72 -7.31
CA PHE D 108 10.25 22.16 -7.13
C PHE D 108 8.95 22.87 -7.55
N ASN D 109 8.49 23.78 -6.69
CA ASN D 109 7.29 24.57 -6.95
C ASN D 109 7.64 25.92 -7.56
N GLY D 110 8.36 26.75 -6.81
CA GLY D 110 8.80 28.04 -7.30
C GLY D 110 9.88 28.61 -6.40
N GLY D 111 10.61 29.58 -6.95
CA GLY D 111 11.70 30.21 -6.22
C GLY D 111 12.09 31.54 -6.81
N SER D 112 12.10 32.59 -5.98
CA SER D 112 12.35 33.94 -6.47
C SER D 112 13.29 34.67 -5.53
N ILE D 113 13.70 35.86 -5.96
CA ILE D 113 14.57 36.73 -5.17
C ILE D 113 13.69 37.69 -4.39
N LEU D 114 13.97 37.85 -3.10
CA LEU D 114 13.23 38.77 -2.24
C LEU D 114 13.98 40.09 -2.14
N HIS D 115 13.29 41.19 -2.44
CA HIS D 115 13.88 42.52 -2.38
C HIS D 115 12.85 43.45 -1.72
N LEU D 116 13.06 43.74 -0.44
CA LEU D 116 12.20 44.67 0.29
C LEU D 116 12.77 46.07 0.13
N GLU D 117 12.05 46.93 -0.58
CA GLU D 117 12.53 48.28 -0.84
C GLU D 117 12.50 49.11 0.44
N PRO D 118 13.43 50.06 0.58
CA PRO D 118 13.33 51.03 1.69
C PRO D 118 11.99 51.75 1.65
N GLY D 119 11.36 51.86 2.81
CA GLY D 119 10.06 52.48 2.90
C GLY D 119 8.89 51.61 2.47
N GLU D 120 9.14 50.34 2.16
CA GLU D 120 8.07 49.46 1.73
C GLU D 120 7.08 49.24 2.87
N ASN D 121 5.79 49.28 2.54
CA ASN D 121 4.74 49.06 3.53
C ASN D 121 4.69 47.58 3.93
N THR D 122 3.97 47.33 5.01
CA THR D 122 3.81 45.96 5.50
C THR D 122 3.00 45.14 4.51
N GLN D 123 3.45 43.92 4.26
CA GLN D 123 2.79 43.00 3.35
C GLN D 123 1.56 42.39 4.02
N PRO D 124 0.47 42.19 3.28
CA PRO D 124 -0.71 41.54 3.86
C PRO D 124 -0.39 40.16 4.40
N ILE D 125 -0.93 39.85 5.57
CA ILE D 125 -0.73 38.54 6.18
C ILE D 125 -1.50 37.50 5.38
N HIS D 126 -0.84 36.40 5.04
CA HIS D 126 -1.41 35.44 4.11
C HIS D 126 -0.86 34.05 4.40
N GLN D 127 -1.52 33.05 3.82
CA GLN D 127 -1.02 31.69 3.75
C GLN D 127 -0.51 31.42 2.34
N ASP D 128 0.63 30.73 2.23
CA ASP D 128 1.22 30.50 0.92
C ASP D 128 0.36 29.58 0.05
N HIS D 129 -0.41 28.68 0.67
CA HIS D 129 -1.20 27.71 -0.08
C HIS D 129 -2.56 28.26 -0.51
N VAL D 130 -2.75 29.58 -0.49
CA VAL D 130 -4.06 30.15 -0.76
C VAL D 130 -4.43 30.01 -2.23
N PHE D 131 -3.45 29.95 -3.13
CA PHE D 131 -3.75 29.81 -4.55
C PHE D 131 -3.99 28.36 -4.94
N TYR D 132 -3.95 27.43 -3.99
CA TYR D 132 -4.41 26.06 -4.21
C TYR D 132 -5.91 26.03 -3.91
N GLN D 133 -6.73 25.82 -4.95
CA GLN D 133 -8.17 25.72 -4.73
C GLN D 133 -8.51 24.56 -3.81
N ILE D 134 -7.71 23.50 -3.83
CA ILE D 134 -7.96 22.34 -2.97
C ILE D 134 -7.62 22.58 -1.51
N SER D 135 -7.05 23.74 -1.17
CA SER D 135 -6.83 24.08 0.23
C SER D 135 -8.13 24.25 0.98
N LYS D 136 -9.24 24.50 0.28
CA LYS D 136 -10.55 24.58 0.92
C LYS D 136 -11.07 23.21 1.33
N TRP D 137 -10.58 22.13 0.72
CA TRP D 137 -10.91 20.78 1.16
C TRP D 137 -9.97 20.26 2.22
N ARG D 138 -8.83 20.93 2.44
CA ARG D 138 -7.80 20.42 3.33
C ARG D 138 -8.15 20.72 4.79
N ARG D 139 -7.83 19.76 5.66
CA ARG D 139 -7.93 19.89 7.10
C ARG D 139 -6.57 20.28 7.68
N PRO D 140 -6.55 20.98 8.82
CA PRO D 140 -5.25 21.37 9.40
C PRO D 140 -4.37 20.19 9.78
N THR D 141 -4.95 19.01 10.01
CA THR D 141 -4.15 17.82 10.29
C THR D 141 -3.58 17.19 9.03
N ASP D 142 -4.15 17.49 7.87
CA ASP D 142 -3.63 16.94 6.61
C ASP D 142 -2.24 17.51 6.33
N PRO D 143 -1.42 16.77 5.58
CA PRO D 143 -0.10 17.30 5.20
C PRO D 143 -0.23 18.58 4.37
N ASP D 144 0.84 19.38 4.41
CA ASP D 144 0.83 20.66 3.72
C ASP D 144 0.86 20.48 2.21
N LEU D 145 0.26 21.44 1.51
CA LEU D 145 0.25 21.40 0.04
C LEU D 145 1.53 21.96 -0.56
N THR D 146 2.34 22.67 0.22
CA THR D 146 3.58 23.25 -0.25
C THR D 146 4.39 23.69 0.96
N ILE D 147 5.70 23.83 0.75
CA ILE D 147 6.61 24.29 1.79
C ILE D 147 7.63 25.23 1.15
N ASN D 148 8.01 26.27 1.89
CA ASN D 148 8.92 27.30 1.41
C ASN D 148 10.14 27.38 2.30
N PHE D 149 11.31 27.51 1.69
CA PHE D 149 12.56 27.74 2.40
C PHE D 149 13.05 29.12 2.03
N THR D 150 13.06 30.04 2.99
CA THR D 150 13.43 31.43 2.76
C THR D 150 14.79 31.69 3.38
N MET D 151 15.81 31.83 2.53
CA MET D 151 17.19 32.02 2.95
C MET D 151 17.54 33.51 2.88
N ALA D 152 18.21 34.00 3.92
CA ALA D 152 18.52 35.42 4.05
C ALA D 152 19.82 35.74 3.31
N LEU D 153 19.77 36.77 2.47
CA LEU D 153 20.97 37.32 1.84
C LEU D 153 21.58 38.41 2.71
N THR D 154 20.79 39.41 3.09
CA THR D 154 21.17 40.39 4.08
C THR D 154 20.62 39.97 5.44
N GLU D 155 20.86 40.81 6.44
CA GLU D 155 20.24 40.61 7.74
C GLU D 155 18.73 40.65 7.62
N PHE D 156 18.06 39.87 8.47
CA PHE D 156 16.61 39.95 8.63
C PHE D 156 16.36 40.53 10.02
N THR D 157 16.03 41.82 10.07
CA THR D 157 15.75 42.50 11.32
C THR D 157 14.28 42.91 11.37
N VAL D 158 13.87 43.38 12.55
CA VAL D 158 12.50 43.88 12.68
C VAL D 158 12.33 45.17 11.87
N GLU D 159 13.35 46.02 11.86
CA GLU D 159 13.22 47.33 11.24
C GLU D 159 13.20 47.23 9.72
N ASN D 160 14.04 46.38 9.14
CA ASN D 160 14.11 46.27 7.69
C ASN D 160 13.01 45.37 7.11
N GLY D 161 12.05 44.96 7.93
CA GLY D 161 10.92 44.19 7.43
C GLY D 161 11.14 42.69 7.39
N GLY D 162 11.88 42.14 8.35
CA GLY D 162 12.07 40.70 8.37
C GLY D 162 10.75 39.96 8.45
N THR D 163 10.68 38.80 7.81
CA THR D 163 9.46 38.01 7.75
C THR D 163 8.92 37.76 9.15
N ARG D 164 7.61 37.95 9.30
CA ARG D 164 6.92 37.68 10.56
C ARG D 164 6.03 36.46 10.41
N VAL D 165 5.92 35.69 11.48
CA VAL D 165 5.09 34.49 11.49
C VAL D 165 4.21 34.52 12.74
N CYS D 166 3.16 33.70 12.71
CA CYS D 166 2.25 33.51 13.83
C CYS D 166 2.26 32.02 14.18
N PRO D 167 3.11 31.61 15.11
CA PRO D 167 3.22 30.17 15.42
C PRO D 167 1.89 29.60 15.89
N GLY D 168 1.64 28.36 15.49
CA GLY D 168 0.40 27.68 15.81
C GLY D 168 -0.76 28.00 14.89
N SER D 169 -0.69 29.10 14.13
CA SER D 169 -1.78 29.50 13.25
C SER D 169 -1.97 28.54 12.07
N HIS D 170 -1.02 27.64 11.83
CA HIS D 170 -1.19 26.63 10.80
C HIS D 170 -2.25 25.60 11.19
N LEU D 171 -2.56 25.47 12.49
CA LEU D 171 -3.56 24.52 12.96
C LEU D 171 -4.95 25.13 13.04
N TRP D 172 -5.11 26.41 12.70
CA TRP D 172 -6.42 27.03 12.67
C TRP D 172 -7.29 26.39 11.59
N GLU D 173 -8.60 26.39 11.83
CA GLU D 173 -9.53 25.85 10.85
C GLU D 173 -9.58 26.75 9.62
N ASN D 174 -10.06 26.17 8.52
CA ASN D 174 -10.23 26.93 7.29
C ASN D 174 -11.29 28.01 7.47
N GLY D 175 -11.06 29.16 6.85
CA GLY D 175 -11.94 30.29 7.01
C GLY D 175 -11.69 31.12 8.25
N HIS D 176 -10.73 30.73 9.09
CA HIS D 176 -10.37 31.54 10.24
C HIS D 176 -9.80 32.87 9.77
N ALA D 177 -10.15 33.94 10.49
CA ALA D 177 -9.63 35.26 10.16
C ALA D 177 -8.11 35.27 10.25
N SER D 178 -7.48 36.15 9.46
CA SER D 178 -6.05 36.27 9.50
C SER D 178 -5.59 36.76 10.88
N PRO D 179 -4.41 36.38 11.32
CA PRO D 179 -3.93 36.82 12.64
C PRO D 179 -3.77 38.33 12.69
N ALA D 180 -3.99 38.89 13.87
CA ALA D 180 -3.82 40.33 14.05
C ALA D 180 -2.35 40.70 13.96
N GLU D 181 -2.10 41.98 13.64
CA GLU D 181 -0.72 42.46 13.54
C GLU D 181 0.03 42.27 14.85
N GLU D 182 -0.66 42.40 15.98
CA GLU D 182 -0.01 42.23 17.27
C GLU D 182 0.45 40.79 17.50
N ASP D 183 -0.19 39.83 16.84
CA ASP D 183 0.16 38.42 17.03
C ASP D 183 1.39 37.99 16.26
N MET D 184 1.89 38.82 15.33
CA MET D 184 2.99 38.42 14.46
C MET D 184 4.31 38.50 15.19
N VAL D 185 5.19 37.53 14.91
CA VAL D 185 6.50 37.42 15.55
C VAL D 185 7.56 37.59 14.47
N PRO D 186 8.38 38.63 14.53
CA PRO D 186 9.40 38.82 13.50
C PRO D 186 10.50 37.77 13.59
N VAL D 187 11.03 37.40 12.42
CA VAL D 187 12.07 36.40 12.31
C VAL D 187 13.40 37.12 12.13
N LEU D 188 14.32 36.92 13.07
CA LEU D 188 15.63 37.57 13.05
C LEU D 188 16.66 36.58 12.50
N MET D 189 17.27 36.92 11.36
CA MET D 189 18.16 36.00 10.68
C MET D 189 19.42 36.72 10.21
N GLN D 190 20.55 36.02 10.29
CA GLN D 190 21.80 36.41 9.68
C GLN D 190 21.92 35.80 8.29
N PRO D 191 22.81 36.33 7.44
CA PRO D 191 22.98 35.73 6.11
C PRO D 191 23.37 34.26 6.21
N GLY D 192 22.64 33.42 5.49
CA GLY D 192 22.81 32.00 5.53
C GLY D 192 21.75 31.26 6.33
N ASP D 193 21.06 31.95 7.22
CA ASP D 193 19.94 31.36 7.93
C ASP D 193 18.77 31.13 6.98
N ALA D 194 17.88 30.24 7.37
CA ALA D 194 16.70 29.94 6.56
C ALA D 194 15.47 29.85 7.43
N LEU D 195 14.37 30.38 6.92
CA LEU D 195 13.06 30.27 7.57
C LEU D 195 12.26 29.18 6.88
N ILE D 196 11.79 28.20 7.65
CA ILE D 196 11.01 27.09 7.13
C ILE D 196 9.54 27.46 7.20
N LEU D 197 8.89 27.54 6.03
CA LEU D 197 7.53 28.09 5.92
C LEU D 197 6.61 27.10 5.21
N PRO D 198 5.89 26.28 5.97
CA PRO D 198 4.84 25.46 5.35
C PRO D 198 3.74 26.33 4.75
N GLY D 199 2.95 25.74 3.87
CA GLY D 199 1.92 26.48 3.16
C GLY D 199 0.81 27.02 4.04
N SER D 200 0.58 26.41 5.19
CA SER D 200 -0.51 26.81 6.08
C SER D 200 -0.10 27.82 7.14
N MET D 201 1.16 28.24 7.17
CA MET D 201 1.64 29.17 8.18
C MET D 201 1.31 30.60 7.76
N TRP D 202 0.51 31.28 8.58
CA TRP D 202 0.22 32.70 8.32
C TRP D 202 1.48 33.53 8.54
N HIS D 203 1.79 34.38 7.57
CA HIS D 203 3.04 35.14 7.61
C HIS D 203 2.94 36.31 6.63
N SER D 204 3.89 37.22 6.74
CA SER D 204 4.00 38.34 5.81
C SER D 204 5.34 39.01 6.00
N ALA D 205 5.78 39.72 4.96
CA ALA D 205 6.94 40.59 5.10
C ALA D 205 6.55 41.85 5.85
N GLY D 206 7.47 42.35 6.68
CA GLY D 206 7.23 43.56 7.42
C GLY D 206 7.55 44.80 6.63
N ALA D 207 7.27 45.95 7.24
CA ALA D 207 7.61 47.22 6.62
C ALA D 207 9.11 47.47 6.73
N ASN D 208 9.73 47.82 5.61
CA ASN D 208 11.17 48.09 5.58
C ASN D 208 11.38 49.57 5.92
N ARG D 209 11.61 49.84 7.21
CA ARG D 209 11.76 51.19 7.71
C ARG D 209 13.20 51.68 7.71
N THR D 210 14.09 50.99 7.01
CA THR D 210 15.50 51.39 6.93
C THR D 210 15.84 51.84 5.52
N SER D 211 17.04 52.40 5.37
CA SER D 211 17.52 52.93 4.11
C SER D 211 18.25 51.89 3.28
N GLU D 212 18.24 50.62 3.70
CA GLU D 212 18.91 49.56 2.97
C GLU D 212 17.93 48.44 2.63
N TYR D 213 18.27 47.69 1.58
CA TYR D 213 17.41 46.62 1.12
C TYR D 213 17.46 45.42 2.05
N ARG D 214 16.30 44.82 2.30
CA ARG D 214 16.22 43.52 2.94
C ARG D 214 16.21 42.47 1.84
N ARG D 215 17.27 41.67 1.75
CA ARG D 215 17.46 40.76 0.64
C ARG D 215 17.41 39.31 1.11
N GLY D 216 16.90 38.45 0.23
CA GLY D 216 16.85 37.02 0.47
C GLY D 216 16.33 36.33 -0.78
N PHE D 217 16.36 35.00 -0.74
CA PHE D 217 15.82 34.22 -1.84
C PHE D 217 15.23 32.93 -1.28
N ALA D 218 14.30 32.37 -2.04
CA ALA D 218 13.46 31.27 -1.54
C ALA D 218 13.52 30.08 -2.49
N THR D 219 13.30 28.91 -1.91
CA THR D 219 12.96 27.70 -2.63
C THR D 219 11.63 27.19 -2.11
N SER D 220 10.92 26.41 -2.93
CA SER D 220 9.65 25.85 -2.51
C SER D 220 9.42 24.55 -3.26
N PHE D 221 8.86 23.57 -2.55
CA PHE D 221 8.55 22.26 -3.11
C PHE D 221 7.12 21.89 -2.73
N HIS D 222 6.51 21.04 -3.55
CA HIS D 222 5.15 20.58 -3.30
C HIS D 222 4.98 19.21 -3.91
N PRO D 223 3.91 18.49 -3.54
CA PRO D 223 3.72 17.12 -4.05
C PRO D 223 3.78 17.04 -5.57
N CYS D 224 4.25 15.88 -6.06
CA CYS D 224 4.47 15.70 -7.49
C CYS D 224 3.18 15.75 -8.30
N HIS D 225 2.03 15.51 -7.67
CA HIS D 225 0.76 15.58 -8.38
C HIS D 225 0.20 16.99 -8.49
N PHE D 226 0.94 18.00 -8.01
CA PHE D 226 0.54 19.39 -8.12
C PHE D 226 1.40 20.08 -9.17
N THR D 227 0.77 20.95 -9.96
CA THR D 227 1.49 21.62 -11.05
C THR D 227 2.34 22.75 -10.49
N PRO D 228 3.64 22.79 -10.79
CA PRO D 228 4.50 23.83 -10.22
C PRO D 228 4.16 25.20 -10.75
N ILE D 229 4.50 26.22 -9.95
CA ILE D 229 4.38 27.60 -10.40
C ILE D 229 5.27 27.86 -11.61
N GLU D 230 6.48 27.30 -11.59
CA GLU D 230 7.48 27.55 -12.62
C GLU D 230 7.74 26.28 -13.42
N SER D 231 7.77 26.43 -14.74
CA SER D 231 8.26 25.40 -15.64
C SER D 231 9.73 25.69 -15.97
N HIS D 232 10.48 24.63 -16.26
CA HIS D 232 11.88 24.75 -16.64
C HIS D 232 12.16 24.13 -18.00
N HIS D 233 11.11 23.95 -18.80
CA HIS D 233 11.25 23.32 -20.12
C HIS D 233 12.11 24.15 -21.07
N HIS D 234 12.25 25.46 -20.82
CA HIS D 234 13.02 26.34 -21.67
C HIS D 234 14.52 26.33 -21.36
N LEU D 235 14.95 25.58 -20.35
CA LEU D 235 16.35 25.58 -19.96
C LEU D 235 17.19 24.84 -21.01
N PRO D 236 18.43 25.28 -21.22
CA PRO D 236 19.30 24.60 -22.20
C PRO D 236 19.56 23.15 -21.82
N ARG D 237 19.70 22.30 -22.84
CA ARG D 237 19.83 20.87 -22.61
C ARG D 237 21.14 20.53 -21.91
N GLU D 238 22.24 21.16 -22.33
CA GLU D 238 23.52 20.92 -21.66
C GLU D 238 23.46 21.32 -20.19
N MET D 239 22.62 22.30 -19.85
CA MET D 239 22.43 22.67 -18.46
C MET D 239 21.64 21.61 -17.71
N VAL D 240 20.68 20.98 -18.38
CA VAL D 240 19.89 19.91 -17.75
C VAL D 240 20.75 18.68 -17.50
N GLU D 241 21.56 18.30 -18.49
CA GLU D 241 22.45 17.15 -18.32
C GLU D 241 23.48 17.37 -17.21
N GLU D 242 23.71 18.62 -16.82
CA GLU D 242 24.66 18.92 -15.75
C GLU D 242 24.09 18.64 -14.37
N MET D 243 22.79 18.86 -14.18
CA MET D 243 22.19 18.71 -12.86
C MET D 243 22.24 17.25 -12.41
N THR D 244 22.21 17.06 -11.09
CA THR D 244 22.10 15.73 -10.52
C THR D 244 20.76 15.12 -10.90
N PRO D 245 20.65 13.79 -10.89
CA PRO D 245 19.35 13.14 -11.13
C PRO D 245 18.26 13.64 -10.21
N LEU D 246 18.59 13.97 -8.96
CA LEU D 246 17.60 14.50 -8.03
C LEU D 246 17.06 15.84 -8.51
N VAL D 247 17.95 16.78 -8.85
CA VAL D 247 17.52 18.08 -9.32
C VAL D 247 16.82 17.98 -10.67
N GLN D 248 17.22 17.01 -11.50
CA GLN D 248 16.51 16.76 -12.74
C GLN D 248 15.04 16.44 -12.47
N LYS D 249 14.77 15.65 -11.43
CA LYS D 249 13.38 15.35 -11.08
C LYS D 249 12.70 16.57 -10.48
N MET D 250 13.41 17.34 -9.65
CA MET D 250 12.81 18.52 -9.04
C MET D 250 12.33 19.52 -10.09
N LEU D 251 13.10 19.69 -11.16
CA LEU D 251 12.83 20.72 -12.14
C LEU D 251 11.97 20.25 -13.31
N GLY D 252 11.40 19.05 -13.22
CA GLY D 252 10.43 18.60 -14.20
C GLY D 252 10.97 17.90 -15.41
N PHE D 253 12.07 17.14 -15.26
CA PHE D 253 12.66 16.43 -16.39
C PHE D 253 12.61 14.92 -16.22
N ARG D 254 11.94 14.42 -15.19
CA ARG D 254 11.89 12.98 -14.93
C ARG D 254 10.49 12.60 -14.49
N THR D 255 10.10 11.36 -14.80
CA THR D 255 8.79 10.85 -14.42
C THR D 255 8.68 10.77 -12.90
N LEU D 256 7.52 11.16 -12.38
CA LEU D 256 7.28 11.19 -10.95
C LEU D 256 6.48 9.97 -10.50
N ASN D 257 6.74 9.52 -9.28
CA ASN D 257 6.12 8.34 -8.71
C ASN D 257 5.18 8.76 -7.59
N LEU D 258 3.90 8.41 -7.73
CA LEU D 258 2.94 8.64 -6.65
C LEU D 258 3.18 7.63 -5.52
N HIS D 259 2.53 7.90 -4.38
CA HIS D 259 2.71 7.03 -3.22
C HIS D 259 2.23 5.61 -3.50
N ASN D 260 1.19 5.46 -4.32
CA ASN D 260 0.67 4.15 -4.71
C ASN D 260 1.47 3.53 -5.86
N ASN D 261 2.63 4.08 -6.18
CA ASN D 261 3.55 3.64 -7.23
C ASN D 261 3.03 3.95 -8.64
N VAL D 262 1.87 4.59 -8.78
CA VAL D 262 1.44 5.05 -10.09
C VAL D 262 2.33 6.21 -10.53
N LYS D 263 2.67 6.22 -11.82
CA LYS D 263 3.58 7.23 -12.37
C LYS D 263 2.80 8.33 -13.08
N VAL D 264 3.24 9.57 -12.89
CA VAL D 264 2.72 10.71 -13.62
C VAL D 264 3.89 11.41 -14.30
N TRP D 265 3.57 12.36 -15.18
CA TRP D 265 4.58 13.08 -15.97
C TRP D 265 5.39 12.09 -16.81
N LYS D 266 4.69 11.12 -17.39
CA LYS D 266 5.32 10.05 -18.17
C LYS D 266 5.48 10.45 -19.63
N ALA D 267 6.32 9.68 -20.33
CA ALA D 267 6.42 9.77 -21.78
C ALA D 267 5.60 8.62 -22.36
N GLY D 268 4.28 8.81 -22.38
CA GLY D 268 3.38 7.74 -22.74
C GLY D 268 3.30 6.70 -21.64
N GLU D 269 3.95 5.56 -21.84
CA GLU D 269 4.05 4.53 -20.81
C GLU D 269 5.43 4.45 -20.18
N GLY D 270 6.48 4.86 -20.89
CA GLY D 270 7.81 4.89 -20.34
C GLY D 270 8.09 6.18 -19.59
N ASN D 271 9.33 6.29 -19.12
CA ASN D 271 9.76 7.44 -18.35
C ASN D 271 10.23 8.56 -19.27
N LEU D 272 10.01 9.81 -18.83
CA LEU D 272 10.37 10.96 -19.64
C LEU D 272 11.88 11.05 -19.86
N GLU D 273 12.67 10.67 -18.86
CA GLU D 273 14.12 10.74 -18.98
C GLU D 273 14.66 9.74 -19.99
N ASP D 274 13.92 8.68 -20.29
CA ASP D 274 14.34 7.74 -21.31
C ASP D 274 13.96 8.21 -22.71
N ALA D 275 12.82 8.87 -22.85
CA ALA D 275 12.42 9.40 -24.15
C ALA D 275 13.26 10.60 -24.55
N THR D 276 13.72 11.39 -23.58
CA THR D 276 14.59 12.54 -23.84
C THR D 276 16.07 12.17 -23.82
N GLY D 277 16.40 10.92 -23.52
CA GLY D 277 17.79 10.50 -23.50
C GLY D 277 18.59 11.04 -22.35
N LEU D 278 17.94 11.48 -21.27
CA LEU D 278 18.64 12.01 -20.11
C LEU D 278 19.43 10.92 -19.39
N ALA D 283 24.38 3.54 -16.13
CA ALA D 283 24.21 4.25 -17.40
C ALA D 283 25.34 5.26 -17.61
N LYS D 284 25.50 6.17 -16.66
CA LYS D 284 26.53 7.22 -16.73
C LYS D 284 27.85 6.76 -16.16
N LEU D 285 28.19 5.49 -16.34
CA LEU D 285 29.45 4.94 -15.84
C LEU D 285 30.49 4.87 -16.95
N ALA D 286 30.75 6.04 -17.54
CA ALA D 286 31.73 6.16 -18.62
C ALA D 286 33.10 6.51 -18.07
#